data_5BJ4
#
_entry.id   5BJ4
#
_cell.length_a   61.780
_cell.length_b   113.520
_cell.length_c   124.060
_cell.angle_alpha   90.00
_cell.angle_beta   90.00
_cell.angle_gamma   90.00
#
_symmetry.space_group_name_H-M   'P 21 21 21'
#
loop_
_entity.id
_entity.type
_entity.pdbx_description
1 polymer 'PROTEIN (ASPARTATE AMINOTRANSFERASE)'
2 non-polymer 'PHOSPHATE ION'
3 non-polymer "PYRIDOXAL-5'-PHOSPHATE"
4 water water
#
_entity_poly.entity_id   1
_entity_poly.type   'polypeptide(L)'
_entity_poly.pdbx_seq_one_letter_code
;MRGLSRRVQAMKPDAVVAVNAKALELRRQGVDLVALTAGEPDFDTPEHVKEAARRALAQGKTKYAPPAGIPELREALAEK
FRRENGLSVTPEETIVTVGGSQALFNLFQAILDPGDEVIVLSPYWVSYPEMVRFAGGVVVEVETLPEEGFVPDPERVRRA
ITPRTKALVVNSPNNPTGAVYPKEVLEALARLAVEHDFYLVSDEIYEHLLYEGEHFSPGRVAPEHTLTVNGAAKAFAMTG
WRIGYACGPKEVIKAMASVSRQSTTSPDTIAQWATLEALTNQEASRAFVEMAREAYRRRRDLLLEGLTALGLKAVRPSGA
FYVLMDTSPIAPDEVRAAERLLEAGVAVVPGTDFAAFGHVRLSYATSEENLRKALERFARVLGRA
;
_entity_poly.pdbx_strand_id   A,B
#
loop_
_chem_comp.id
_chem_comp.type
_chem_comp.name
_chem_comp.formula
PLP non-polymer PYRIDOXAL-5'-PHOSPHATE 'C8 H10 N O6 P'
PO4 non-polymer 'PHOSPHATE ION' 'O4 P -3'
#
# COMPACT_ATOMS: atom_id res chain seq x y z
N MET A 1 5.92 -16.74 21.78
CA MET A 1 6.88 -15.69 22.22
C MET A 1 6.70 -14.39 21.43
N ARG A 2 7.24 -13.29 21.93
CA ARG A 2 7.15 -12.00 21.25
C ARG A 2 8.49 -11.63 20.63
N GLY A 3 8.49 -10.72 19.67
CA GLY A 3 9.72 -10.34 19.04
C GLY A 3 9.53 -10.05 17.57
N LEU A 4 10.46 -9.31 17.00
CA LEU A 4 10.41 -8.94 15.60
C LEU A 4 10.99 -10.02 14.70
N SER A 5 10.53 -10.02 13.46
CA SER A 5 10.99 -10.99 12.47
C SER A 5 12.40 -10.63 11.99
N ARG A 6 13.09 -11.61 11.41
CA ARG A 6 14.43 -11.41 10.90
C ARG A 6 14.44 -10.47 9.70
N ARG A 7 13.45 -10.59 8.84
CA ARG A 7 13.39 -9.75 7.64
C ARG A 7 13.29 -8.27 8.02
N VAL A 8 12.60 -7.98 9.11
CA VAL A 8 12.45 -6.60 9.56
C VAL A 8 13.70 -6.13 10.33
N GLN A 9 14.34 -7.04 11.05
CA GLN A 9 15.55 -6.70 11.78
C GLN A 9 16.74 -6.55 10.82
N ALA A 10 16.70 -7.27 9.71
CA ALA A 10 17.76 -7.22 8.71
C ALA A 10 17.70 -5.93 7.87
N MET A 11 16.61 -5.18 8.01
CA MET A 11 16.43 -3.94 7.27
C MET A 11 17.37 -2.84 7.71
N LYS A 12 17.85 -2.07 6.72
CA LYS A 12 18.79 -0.98 6.97
C LYS A 12 18.09 0.34 7.25
N PRO A 13 18.55 1.07 8.26
CA PRO A 13 17.96 2.39 8.59
C PRO A 13 18.51 3.50 7.67
N GLY A 30 18.47 27.79 14.76
CA GLY A 30 18.34 29.05 13.97
C GLY A 30 19.11 29.15 12.65
N VAL A 31 19.56 28.02 12.09
CA VAL A 31 20.32 28.04 10.83
C VAL A 31 19.48 28.03 9.56
N ASP A 32 19.95 28.76 8.55
CA ASP A 32 19.31 28.85 7.24
C ASP A 32 20.02 27.87 6.32
N LEU A 33 19.28 26.86 5.87
CA LEU A 33 19.82 25.85 4.98
C LEU A 33 19.08 25.85 3.67
N VAL A 34 19.82 25.67 2.58
CA VAL A 34 19.20 25.55 1.27
C VAL A 34 19.19 24.05 1.09
N ALA A 35 18.04 23.47 0.80
CA ALA A 35 17.95 22.03 0.63
C ALA A 35 17.99 21.58 -0.84
N LEU A 36 18.96 20.75 -1.19
CA LEU A 36 19.07 20.21 -2.54
C LEU A 36 18.91 18.69 -2.37
N THR A 37 17.92 18.32 -1.58
CA THR A 37 17.67 16.92 -1.25
C THR A 37 16.39 16.29 -1.81
N ALA A 38 15.51 17.09 -2.40
CA ALA A 38 14.22 16.61 -2.93
C ALA A 38 14.23 15.47 -3.93
N GLY A 39 13.30 14.55 -3.70
CA GLY A 39 13.13 13.41 -4.60
C GLY A 39 11.77 13.53 -5.26
N GLU A 40 11.23 14.75 -5.27
CA GLU A 40 9.94 15.00 -5.89
C GLU A 40 9.89 16.40 -6.49
N PRO A 41 9.02 16.60 -7.50
CA PRO A 41 8.88 17.90 -8.16
C PRO A 41 8.48 18.99 -7.18
N ASP A 42 8.97 20.20 -7.41
CA ASP A 42 8.62 21.33 -6.57
C ASP A 42 7.26 21.88 -7.03
N PHE A 43 6.90 21.58 -8.28
CA PHE A 43 5.63 22.00 -8.84
C PHE A 43 4.48 21.28 -8.14
N ASP A 44 3.33 21.93 -8.08
CA ASP A 44 2.14 21.33 -7.48
C ASP A 44 1.50 20.55 -8.62
N THR A 45 0.64 19.58 -8.31
CA THR A 45 -0.02 18.82 -9.36
C THR A 45 -0.93 19.75 -10.17
N PRO A 46 -0.94 19.55 -11.50
CA PRO A 46 -1.76 20.38 -12.42
C PRO A 46 -3.25 20.42 -12.09
N GLU A 47 -3.86 21.58 -12.34
CA GLU A 47 -5.27 21.81 -12.09
C GLU A 47 -6.28 20.85 -12.69
N HIS A 48 -6.02 20.37 -13.90
CA HIS A 48 -6.96 19.43 -14.51
C HIS A 48 -7.03 18.13 -13.71
N VAL A 49 -5.90 17.72 -13.13
CA VAL A 49 -5.87 16.51 -12.32
C VAL A 49 -6.65 16.76 -11.03
N LYS A 50 -6.41 17.91 -10.41
CA LYS A 50 -7.11 18.27 -9.18
C LYS A 50 -8.60 18.33 -9.43
N GLU A 51 -9.00 18.88 -10.58
CA GLU A 51 -10.41 19.00 -10.93
C GLU A 51 -11.07 17.63 -11.11
N ALA A 52 -10.32 16.69 -11.67
CA ALA A 52 -10.82 15.32 -11.87
C ALA A 52 -11.08 14.68 -10.50
N ALA A 53 -10.23 14.99 -9.52
CA ALA A 53 -10.38 14.48 -8.15
C ALA A 53 -11.65 15.04 -7.49
N ARG A 54 -11.90 16.33 -7.71
CA ARG A 54 -13.10 16.97 -7.14
C ARG A 54 -14.37 16.38 -7.72
N ARG A 55 -14.34 16.06 -9.02
CA ARG A 55 -15.49 15.45 -9.69
C ARG A 55 -15.81 14.09 -9.13
N ALA A 56 -14.76 13.29 -8.89
CA ALA A 56 -14.94 11.96 -8.34
C ALA A 56 -15.54 12.06 -6.94
N LEU A 57 -15.08 13.05 -6.16
CA LEU A 57 -15.59 13.26 -4.80
C LEU A 57 -17.07 13.60 -4.84
N ALA A 58 -17.42 14.51 -5.76
CA ALA A 58 -18.79 14.96 -5.94
C ALA A 58 -19.68 13.82 -6.43
N GLN A 59 -19.08 12.88 -7.16
CA GLN A 59 -19.81 11.74 -7.69
C GLN A 59 -19.87 10.53 -6.76
N GLY A 60 -19.26 10.63 -5.59
CA GLY A 60 -19.31 9.53 -4.65
C GLY A 60 -18.45 8.34 -5.00
N LYS A 61 -17.38 8.58 -5.74
CA LYS A 61 -16.47 7.50 -6.10
C LYS A 61 -15.48 7.30 -4.97
N THR A 62 -16.04 6.80 -3.87
CA THR A 62 -15.32 6.58 -2.64
C THR A 62 -15.39 5.14 -2.11
N LYS A 63 -15.72 4.19 -2.98
CA LYS A 63 -15.85 2.77 -2.61
C LYS A 63 -14.63 1.96 -3.06
N TYR A 64 -14.55 0.71 -2.62
CA TYR A 64 -13.44 -0.18 -2.98
C TYR A 64 -13.33 -0.37 -4.49
N ALA A 65 -12.10 -0.32 -5.00
CA ALA A 65 -11.87 -0.54 -6.42
C ALA A 65 -11.28 -1.94 -6.51
N PRO A 66 -11.24 -2.53 -7.72
CA PRO A 66 -10.66 -3.88 -7.84
C PRO A 66 -9.18 -3.83 -7.51
N PRO A 67 -8.60 -4.96 -7.07
CA PRO A 67 -7.18 -5.05 -6.71
C PRO A 67 -6.20 -4.58 -7.79
N ALA A 68 -6.52 -4.76 -9.08
CA ALA A 68 -5.57 -4.34 -10.11
C ALA A 68 -5.85 -2.93 -10.60
N GLY A 69 -6.90 -2.30 -10.07
CA GLY A 69 -7.24 -0.95 -10.47
C GLY A 69 -8.57 -0.86 -11.18
N ILE A 70 -9.16 0.33 -11.23
CA ILE A 70 -10.44 0.50 -11.93
C ILE A 70 -10.20 0.18 -13.40
N PRO A 71 -11.17 -0.50 -14.06
CA PRO A 71 -11.07 -0.88 -15.47
C PRO A 71 -10.78 0.28 -16.42
N GLU A 72 -11.33 1.45 -16.13
CA GLU A 72 -11.11 2.64 -16.96
C GLU A 72 -9.64 3.02 -17.00
N LEU A 73 -8.95 2.88 -15.87
CA LEU A 73 -7.53 3.22 -15.79
C LEU A 73 -6.65 2.19 -16.48
N ARG A 74 -6.96 0.90 -16.28
CA ARG A 74 -6.18 -0.16 -16.90
C ARG A 74 -6.22 -0.07 -18.41
N GLU A 75 -7.35 0.42 -18.94
CA GLU A 75 -7.51 0.58 -20.37
C GLU A 75 -6.73 1.78 -20.88
N ALA A 76 -6.75 2.86 -20.10
CA ALA A 76 -6.02 4.07 -20.44
C ALA A 76 -4.52 3.78 -20.35
N LEU A 77 -4.15 2.88 -19.44
CA LEU A 77 -2.76 2.48 -19.25
C LEU A 77 -2.27 1.73 -20.49
N ALA A 78 -3.11 0.82 -20.98
CA ALA A 78 -2.78 0.04 -22.17
C ALA A 78 -2.48 0.98 -23.32
N GLU A 79 -3.32 2.02 -23.46
CA GLU A 79 -3.16 3.02 -24.52
C GLU A 79 -1.85 3.77 -24.34
N LYS A 80 -1.56 4.18 -23.11
CA LYS A 80 -0.33 4.89 -22.80
C LYS A 80 0.91 4.06 -23.13
N PHE A 81 0.94 2.82 -22.66
CA PHE A 81 2.09 1.96 -22.93
C PHE A 81 2.28 1.63 -24.41
N ARG A 82 1.18 1.58 -25.15
CA ARG A 82 1.18 1.29 -26.57
C ARG A 82 1.60 2.54 -27.36
N ARG A 83 0.94 3.64 -27.05
CA ARG A 83 1.16 4.93 -27.68
C ARG A 83 2.53 5.56 -27.40
N GLU A 84 2.84 5.74 -26.12
CA GLU A 84 4.09 6.37 -25.70
C GLU A 84 5.34 5.52 -25.70
N ASN A 85 5.19 4.24 -25.39
CA ASN A 85 6.36 3.35 -25.30
C ASN A 85 6.53 2.28 -26.37
N GLY A 86 5.53 2.14 -27.25
CA GLY A 86 5.60 1.13 -28.30
C GLY A 86 5.46 -0.27 -27.74
N LEU A 87 4.90 -0.37 -26.55
CA LEU A 87 4.69 -1.66 -25.89
C LEU A 87 3.31 -2.18 -26.29
N SER A 88 3.23 -3.46 -26.65
CA SER A 88 1.94 -4.00 -27.04
C SER A 88 1.35 -4.78 -25.88
N VAL A 89 0.49 -4.11 -25.12
CA VAL A 89 -0.14 -4.70 -23.95
C VAL A 89 -1.64 -4.46 -23.92
N THR A 90 -2.35 -5.40 -23.30
CA THR A 90 -3.80 -5.33 -23.13
C THR A 90 -4.04 -4.81 -21.73
N PRO A 91 -5.26 -4.32 -21.45
CA PRO A 91 -5.61 -3.79 -20.12
C PRO A 91 -5.35 -4.81 -19.03
N GLU A 92 -5.44 -6.09 -19.40
CA GLU A 92 -5.24 -7.19 -18.47
C GLU A 92 -3.77 -7.43 -18.11
N GLU A 93 -2.86 -6.86 -18.91
CA GLU A 93 -1.42 -7.00 -18.66
C GLU A 93 -0.93 -5.70 -18.04
N THR A 94 -1.88 -5.01 -17.43
CA THR A 94 -1.70 -3.71 -16.82
C THR A 94 -2.13 -3.74 -15.34
N ILE A 95 -1.40 -3.03 -14.48
CA ILE A 95 -1.77 -2.97 -13.06
C ILE A 95 -1.51 -1.60 -12.42
N VAL A 96 -2.44 -1.18 -11.55
CA VAL A 96 -2.33 0.09 -10.83
C VAL A 96 -1.92 -0.24 -9.39
N THR A 97 -0.95 0.50 -8.85
CA THR A 97 -0.45 0.24 -7.51
C THR A 97 -0.34 1.52 -6.70
N VAL A 98 0.01 1.38 -5.43
CA VAL A 98 0.18 2.51 -4.52
C VAL A 98 1.61 3.00 -4.70
N GLY A 99 1.79 3.80 -5.74
CA GLY A 99 3.09 4.32 -6.11
C GLY A 99 3.86 3.29 -6.92
N GLY A 100 4.88 3.75 -7.64
CA GLY A 100 5.71 2.84 -8.40
C GLY A 100 6.48 1.98 -7.41
N SER A 101 6.63 2.46 -6.18
CA SER A 101 7.35 1.69 -5.18
C SER A 101 6.60 0.40 -4.86
N GLN A 102 5.26 0.46 -4.81
CA GLN A 102 4.50 -0.77 -4.54
C GLN A 102 4.55 -1.74 -5.70
N ALA A 103 4.66 -1.22 -6.93
CA ALA A 103 4.75 -2.06 -8.11
C ALA A 103 6.02 -2.91 -7.99
N LEU A 104 7.12 -2.27 -7.62
CA LEU A 104 8.39 -2.96 -7.45
C LEU A 104 8.34 -3.92 -6.28
N PHE A 105 7.77 -3.48 -5.16
CA PHE A 105 7.65 -4.31 -3.96
C PHE A 105 6.84 -5.60 -4.25
N ASN A 106 5.66 -5.44 -4.87
CA ASN A 106 4.79 -6.56 -5.23
C ASN A 106 5.45 -7.49 -6.24
N LEU A 107 6.21 -6.91 -7.16
CA LEU A 107 6.93 -7.66 -8.18
C LEU A 107 7.96 -8.61 -7.58
N PHE A 108 8.77 -8.11 -6.65
CA PHE A 108 9.77 -8.95 -6.03
C PHE A 108 9.14 -10.01 -5.13
N GLN A 109 8.02 -9.69 -4.51
CA GLN A 109 7.32 -10.63 -3.65
C GLN A 109 6.73 -11.73 -4.53
N ALA A 110 6.36 -11.37 -5.74
CA ALA A 110 5.75 -12.30 -6.67
C ALA A 110 6.74 -13.17 -7.45
N ILE A 111 7.99 -12.74 -7.57
CA ILE A 111 8.96 -13.52 -8.34
C ILE A 111 10.17 -14.07 -7.62
N LEU A 112 10.40 -13.64 -6.39
CA LEU A 112 11.59 -14.10 -5.67
C LEU A 112 11.40 -15.10 -4.53
N ASP A 113 12.17 -16.18 -4.61
CA ASP A 113 12.19 -17.19 -3.56
C ASP A 113 13.50 -16.90 -2.88
N PRO A 114 13.60 -17.22 -1.58
CA PRO A 114 14.85 -17.00 -0.83
C PRO A 114 16.04 -17.60 -1.59
N GLY A 115 17.09 -16.81 -1.75
CA GLY A 115 18.27 -17.29 -2.45
C GLY A 115 18.36 -16.84 -3.90
N ASP A 116 17.23 -16.49 -4.50
CA ASP A 116 17.24 -16.01 -5.88
C ASP A 116 18.05 -14.74 -5.96
N GLU A 117 18.78 -14.58 -7.05
CA GLU A 117 19.63 -13.41 -7.22
C GLU A 117 19.03 -12.34 -8.10
N VAL A 118 19.30 -11.10 -7.74
CA VAL A 118 18.82 -9.94 -8.50
C VAL A 118 20.02 -9.03 -8.74
N ILE A 119 20.28 -8.72 -10.00
CA ILE A 119 21.39 -7.87 -10.37
C ILE A 119 20.94 -6.41 -10.38
N VAL A 120 21.61 -5.58 -9.59
CA VAL A 120 21.30 -4.16 -9.54
C VAL A 120 22.54 -3.40 -10.01
N LEU A 121 22.33 -2.33 -10.75
CA LEU A 121 23.41 -1.50 -11.27
C LEU A 121 23.68 -0.27 -10.39
N SER A 122 24.86 -0.21 -9.78
CA SER A 122 25.21 0.92 -8.93
C SER A 122 25.84 2.06 -9.74
N PRO A 123 25.58 3.32 -9.36
CA PRO A 123 24.74 3.78 -8.25
C PRO A 123 23.27 3.45 -8.47
N TYR A 124 22.59 3.04 -7.42
CA TYR A 124 21.18 2.68 -7.54
C TYR A 124 20.31 3.39 -6.53
N TRP A 125 19.02 3.40 -6.84
CA TRP A 125 18.02 3.98 -5.98
C TRP A 125 18.05 3.14 -4.69
N VAL A 126 18.06 3.82 -3.56
CA VAL A 126 18.15 3.15 -2.26
C VAL A 126 17.21 1.99 -1.98
N SER A 127 15.98 2.07 -2.49
CA SER A 127 14.96 1.04 -2.28
C SER A 127 15.13 -0.32 -2.95
N TYR A 128 15.84 -0.38 -4.07
CA TYR A 128 16.04 -1.65 -4.79
C TYR A 128 16.62 -2.77 -3.92
N PRO A 129 17.83 -2.59 -3.37
CA PRO A 129 18.40 -3.66 -2.54
C PRO A 129 17.59 -4.02 -1.30
N GLU A 130 16.87 -3.04 -0.75
CA GLU A 130 16.03 -3.29 0.42
C GLU A 130 14.82 -4.14 0.09
N MET A 131 14.21 -3.87 -1.06
CA MET A 131 13.04 -4.61 -1.52
C MET A 131 13.41 -6.05 -1.89
N VAL A 132 14.59 -6.23 -2.48
CA VAL A 132 15.08 -7.53 -2.87
C VAL A 132 15.32 -8.42 -1.65
N ARG A 133 16.06 -7.88 -0.68
CA ARG A 133 16.38 -8.61 0.54
C ARG A 133 15.19 -8.92 1.41
N PHE A 134 14.18 -8.03 1.38
CA PHE A 134 12.98 -8.23 2.19
C PHE A 134 12.20 -9.46 1.72
N ALA A 135 12.30 -9.77 0.43
CA ALA A 135 11.63 -10.93 -0.16
C ALA A 135 12.52 -12.17 -0.11
N GLY A 136 13.67 -12.06 0.55
CA GLY A 136 14.59 -13.18 0.66
C GLY A 136 15.67 -13.24 -0.41
N GLY A 137 15.66 -12.28 -1.34
CA GLY A 137 16.63 -12.23 -2.41
C GLY A 137 18.05 -11.84 -2.04
N VAL A 138 18.98 -12.14 -2.94
CA VAL A 138 20.39 -11.84 -2.76
C VAL A 138 20.74 -10.75 -3.75
N VAL A 139 21.32 -9.67 -3.28
CA VAL A 139 21.67 -8.57 -4.16
C VAL A 139 23.06 -8.75 -4.76
N VAL A 140 23.11 -8.75 -6.08
CA VAL A 140 24.36 -8.85 -6.82
C VAL A 140 24.57 -7.51 -7.50
N GLU A 141 25.63 -6.81 -7.08
CA GLU A 141 25.92 -5.49 -7.61
C GLU A 141 26.91 -5.41 -8.77
N VAL A 142 26.49 -4.70 -9.82
CA VAL A 142 27.30 -4.46 -11.00
C VAL A 142 27.47 -2.94 -11.08
N GLU A 143 28.71 -2.49 -10.98
CA GLU A 143 29.03 -1.06 -10.99
C GLU A 143 29.07 -0.41 -12.36
N THR A 144 28.51 0.80 -12.45
CA THR A 144 28.57 1.60 -13.68
C THR A 144 29.61 2.67 -13.35
N LEU A 145 30.32 3.16 -14.36
CA LEU A 145 31.41 4.09 -14.14
C LEU A 145 31.21 5.52 -14.58
N PRO A 146 31.76 6.47 -13.80
CA PRO A 146 31.69 7.91 -14.05
C PRO A 146 32.32 8.19 -15.42
N GLU A 147 33.45 7.54 -15.67
CA GLU A 147 34.18 7.67 -16.94
C GLU A 147 33.32 7.21 -18.11
N GLU A 148 32.38 6.31 -17.85
CA GLU A 148 31.49 5.80 -18.88
C GLU A 148 30.11 6.46 -18.80
N GLY A 149 30.04 7.59 -18.12
CA GLY A 149 28.82 8.35 -17.98
C GLY A 149 27.74 7.61 -17.20
N PHE A 150 28.17 6.68 -16.36
CA PHE A 150 27.27 5.86 -15.56
C PHE A 150 26.33 5.02 -16.44
N VAL A 151 26.75 4.73 -17.67
CA VAL A 151 25.95 3.89 -18.57
C VAL A 151 26.53 2.48 -18.42
N PRO A 152 25.67 1.46 -18.22
CA PRO A 152 26.21 0.10 -18.06
C PRO A 152 26.82 -0.56 -19.28
N ASP A 153 27.80 -1.40 -18.99
CA ASP A 153 28.52 -2.18 -19.99
C ASP A 153 27.89 -3.58 -19.90
N PRO A 154 27.18 -4.00 -20.96
CA PRO A 154 26.52 -5.31 -21.03
C PRO A 154 27.45 -6.47 -20.69
N GLU A 155 28.75 -6.30 -20.98
CA GLU A 155 29.74 -7.32 -20.68
C GLU A 155 29.93 -7.53 -19.19
N ARG A 156 29.97 -6.43 -18.44
CA ARG A 156 30.12 -6.51 -16.99
C ARG A 156 28.91 -7.20 -16.38
N VAL A 157 27.75 -6.92 -16.97
CA VAL A 157 26.49 -7.51 -16.53
C VAL A 157 26.51 -9.00 -16.81
N ARG A 158 26.88 -9.37 -18.03
CA ARG A 158 26.97 -10.77 -18.45
C ARG A 158 27.85 -11.55 -17.48
N ARG A 159 28.94 -10.94 -17.05
CA ARG A 159 29.86 -11.58 -16.12
C ARG A 159 29.26 -11.83 -14.73
N ALA A 160 28.11 -11.22 -14.45
CA ALA A 160 27.44 -11.35 -13.16
C ALA A 160 26.32 -12.38 -13.10
N ILE A 161 25.87 -12.84 -14.27
CA ILE A 161 24.80 -13.83 -14.36
C ILE A 161 25.22 -15.21 -13.87
N THR A 162 24.37 -15.84 -13.05
CA THR A 162 24.61 -17.18 -12.53
C THR A 162 23.33 -17.97 -12.75
N PRO A 163 23.32 -19.27 -12.39
CA PRO A 163 22.10 -20.04 -12.58
C PRO A 163 21.00 -19.58 -11.61
N ARG A 164 21.37 -18.79 -10.60
CA ARG A 164 20.43 -18.27 -9.62
C ARG A 164 19.83 -16.89 -9.94
N THR A 165 20.25 -16.28 -11.05
CA THR A 165 19.73 -14.96 -11.44
C THR A 165 18.26 -15.00 -11.84
N LYS A 166 17.43 -14.30 -11.07
CA LYS A 166 15.99 -14.23 -11.33
C LYS A 166 15.60 -12.93 -12.03
N ALA A 167 16.38 -11.88 -11.79
CA ALA A 167 16.09 -10.59 -12.41
C ALA A 167 17.25 -9.62 -12.43
N LEU A 168 17.13 -8.65 -13.34
CA LEU A 168 18.10 -7.59 -13.52
C LEU A 168 17.30 -6.30 -13.49
N VAL A 169 17.67 -5.37 -12.62
CA VAL A 169 16.95 -4.10 -12.52
C VAL A 169 17.67 -2.99 -13.30
N VAL A 170 16.92 -2.36 -14.20
CA VAL A 170 17.44 -1.26 -15.01
C VAL A 170 16.55 -0.03 -14.80
N ASN A 171 17.18 1.11 -14.55
CA ASN A 171 16.50 2.37 -14.29
C ASN A 171 17.03 3.51 -15.17
N SER A 172 16.28 3.88 -16.20
CA SER A 172 16.65 4.96 -17.12
C SER A 172 15.43 5.77 -17.57
N PRO A 173 15.44 7.10 -17.37
CA PRO A 173 16.50 7.92 -16.76
C PRO A 173 16.77 7.49 -15.31
N ASN A 174 18.02 7.57 -14.92
CA ASN A 174 18.49 7.12 -13.63
C ASN A 174 18.46 8.06 -12.43
N ASN A 175 18.08 7.50 -11.28
CA ASN A 175 18.09 8.17 -10.00
C ASN A 175 19.13 7.26 -9.33
N PRO A 176 20.23 7.83 -8.79
CA PRO A 176 20.67 9.23 -8.69
C PRO A 176 21.59 9.86 -9.73
N THR A 177 22.02 9.12 -10.74
CA THR A 177 22.97 9.67 -11.71
C THR A 177 22.44 10.62 -12.77
N GLY A 178 21.17 10.45 -13.15
CA GLY A 178 20.58 11.29 -14.16
C GLY A 178 20.90 10.81 -15.57
N ALA A 179 21.58 9.67 -15.66
CA ALA A 179 21.97 9.08 -16.94
C ALA A 179 20.79 8.51 -17.72
N VAL A 180 20.86 8.64 -19.04
CA VAL A 180 19.83 8.09 -19.91
C VAL A 180 20.55 7.06 -20.77
N TYR A 181 20.14 5.80 -20.66
CA TYR A 181 20.77 4.71 -21.42
C TYR A 181 20.33 4.68 -22.88
N PRO A 182 21.30 4.52 -23.81
CA PRO A 182 21.01 4.46 -25.24
C PRO A 182 20.28 3.18 -25.63
N LYS A 183 19.39 3.28 -26.60
CA LYS A 183 18.60 2.15 -27.07
C LYS A 183 19.40 0.87 -27.25
N GLU A 184 20.63 1.02 -27.75
CA GLU A 184 21.52 -0.11 -28.03
C GLU A 184 21.97 -0.85 -26.77
N VAL A 185 22.15 -0.13 -25.67
CA VAL A 185 22.55 -0.76 -24.41
C VAL A 185 21.31 -1.43 -23.79
N LEU A 186 20.16 -0.79 -23.94
CA LEU A 186 18.90 -1.33 -23.43
C LEU A 186 18.54 -2.64 -24.15
N GLU A 187 18.81 -2.68 -25.45
CA GLU A 187 18.55 -3.88 -26.25
C GLU A 187 19.48 -4.99 -25.83
N ALA A 188 20.75 -4.66 -25.62
CA ALA A 188 21.74 -5.66 -25.21
C ALA A 188 21.36 -6.27 -23.85
N LEU A 189 20.83 -5.43 -22.96
CA LEU A 189 20.43 -5.91 -21.64
C LEU A 189 19.21 -6.82 -21.76
N ALA A 190 18.26 -6.45 -22.62
CA ALA A 190 17.05 -7.25 -22.84
C ALA A 190 17.44 -8.62 -23.39
N ARG A 191 18.38 -8.63 -24.35
CA ARG A 191 18.84 -9.88 -24.94
C ARG A 191 19.45 -10.83 -23.92
N LEU A 192 20.21 -10.32 -22.94
CA LEU A 192 20.80 -11.17 -21.91
C LEU A 192 19.71 -11.86 -21.09
N ALA A 193 18.59 -11.16 -20.88
CA ALA A 193 17.46 -11.70 -20.13
C ALA A 193 16.83 -12.84 -20.93
N VAL A 194 16.64 -12.61 -22.23
CA VAL A 194 16.06 -13.63 -23.12
C VAL A 194 17.02 -14.80 -23.30
N GLU A 195 18.30 -14.47 -23.42
CA GLU A 195 19.37 -15.43 -23.60
C GLU A 195 19.59 -16.31 -22.37
N HIS A 196 19.55 -15.72 -21.18
CA HIS A 196 19.77 -16.47 -19.95
C HIS A 196 18.50 -16.77 -19.15
N ASP A 197 17.36 -16.45 -19.73
CA ASP A 197 16.06 -16.72 -19.13
C ASP A 197 15.81 -16.13 -17.73
N PHE A 198 15.66 -14.81 -17.65
CA PHE A 198 15.35 -14.17 -16.38
C PHE A 198 14.53 -12.91 -16.63
N TYR A 199 14.04 -12.30 -15.57
CA TYR A 199 13.22 -11.09 -15.71
C TYR A 199 14.03 -9.81 -15.80
N LEU A 200 13.56 -8.92 -16.66
CA LEU A 200 14.17 -7.62 -16.85
C LEU A 200 13.16 -6.63 -16.27
N VAL A 201 13.52 -5.97 -15.17
CA VAL A 201 12.65 -4.99 -14.52
C VAL A 201 13.09 -3.60 -14.96
N SER A 202 12.23 -2.93 -15.71
CA SER A 202 12.54 -1.60 -16.21
C SER A 202 11.80 -0.48 -15.48
N ASP A 203 12.52 0.26 -14.63
CA ASP A 203 11.96 1.37 -13.86
C ASP A 203 12.05 2.63 -14.73
N GLU A 204 10.92 2.98 -15.36
CA GLU A 204 10.86 4.13 -16.25
C GLU A 204 10.06 5.35 -15.78
N ILE A 205 9.98 5.58 -14.46
CA ILE A 205 9.21 6.74 -13.94
C ILE A 205 9.66 8.12 -14.41
N TYR A 206 10.92 8.28 -14.81
CA TYR A 206 11.45 9.57 -15.26
C TYR A 206 11.43 9.78 -16.77
N GLU A 207 10.75 8.91 -17.50
CA GLU A 207 10.70 8.98 -18.95
C GLU A 207 10.40 10.37 -19.53
N HIS A 208 9.50 11.13 -18.89
CA HIS A 208 9.13 12.46 -19.36
C HIS A 208 10.06 13.59 -18.90
N LEU A 209 11.01 13.23 -18.04
CA LEU A 209 11.99 14.19 -17.53
C LEU A 209 13.28 13.85 -18.29
N LEU A 210 13.29 14.20 -19.57
CA LEU A 210 14.40 13.90 -20.48
C LEU A 210 14.81 15.17 -21.25
N TYR A 211 16.09 15.51 -21.21
CA TYR A 211 16.60 16.72 -21.86
C TYR A 211 17.31 16.46 -23.18
N GLU A 212 17.88 15.27 -23.34
CA GLU A 212 18.49 14.90 -24.60
C GLU A 212 18.58 13.39 -24.80
N GLY A 213 18.22 12.99 -26.01
CA GLY A 213 18.19 11.60 -26.40
C GLY A 213 16.73 11.22 -26.49
N GLU A 214 16.45 9.93 -26.41
CA GLU A 214 15.06 9.47 -26.47
C GLU A 214 14.87 8.30 -25.51
N HIS A 215 13.66 8.20 -24.97
CA HIS A 215 13.35 7.13 -24.04
C HIS A 215 13.02 5.83 -24.79
N PHE A 216 13.76 4.77 -24.47
CA PHE A 216 13.52 3.48 -25.11
C PHE A 216 13.07 2.49 -24.05
N SER A 217 11.98 1.78 -24.33
CA SER A 217 11.45 0.77 -23.42
C SER A 217 11.91 -0.60 -23.89
N PRO A 218 12.82 -1.25 -23.14
CA PRO A 218 13.32 -2.58 -23.52
C PRO A 218 12.26 -3.71 -23.57
N GLY A 219 11.04 -3.41 -23.14
CA GLY A 219 9.96 -4.37 -23.14
C GLY A 219 9.54 -4.62 -24.57
N ARG A 220 10.03 -3.77 -25.47
CA ARG A 220 9.76 -3.88 -26.91
C ARG A 220 10.50 -5.05 -27.56
N VAL A 221 11.69 -5.35 -27.05
CA VAL A 221 12.51 -6.45 -27.59
C VAL A 221 12.36 -7.76 -26.81
N ALA A 222 11.85 -7.68 -25.58
CA ALA A 222 11.66 -8.86 -24.75
C ALA A 222 10.36 -8.74 -23.94
N PRO A 223 9.22 -8.64 -24.64
CA PRO A 223 7.90 -8.52 -24.01
C PRO A 223 7.56 -9.53 -22.91
N GLU A 224 7.90 -10.80 -23.14
CA GLU A 224 7.61 -11.86 -22.17
C GLU A 224 8.63 -11.96 -21.04
N HIS A 225 9.68 -11.16 -21.11
CA HIS A 225 10.71 -11.18 -20.07
C HIS A 225 10.74 -9.85 -19.30
N THR A 226 10.02 -8.85 -19.79
CA THR A 226 10.07 -7.53 -19.18
C THR A 226 8.86 -7.01 -18.41
N LEU A 227 9.16 -6.43 -17.26
CA LEU A 227 8.15 -5.82 -16.39
C LEU A 227 8.48 -4.34 -16.42
N THR A 228 7.59 -3.55 -16.99
CA THR A 228 7.81 -2.12 -17.10
C THR A 228 7.08 -1.43 -15.96
N VAL A 229 7.85 -0.76 -15.10
CA VAL A 229 7.31 -0.03 -13.96
C VAL A 229 7.32 1.46 -14.25
N ASN A 230 6.21 2.12 -13.95
CA ASN A 230 6.07 3.57 -14.18
C ASN A 230 5.12 4.14 -13.14
N GLY A 231 4.74 5.40 -13.30
CA GLY A 231 3.82 6.03 -12.36
C GLY A 231 3.60 7.51 -12.66
N ALA A 232 2.63 8.10 -11.99
CA ALA A 232 2.30 9.52 -12.19
C ALA A 232 3.15 10.47 -11.35
N ALA A 233 3.77 9.92 -10.31
CA ALA A 233 4.56 10.70 -9.35
C ALA A 233 5.50 11.79 -9.84
N LYS A 234 6.48 11.42 -10.65
CA LYS A 234 7.45 12.39 -11.11
C LYS A 234 7.02 13.20 -12.32
N ALA A 235 6.30 12.58 -13.25
CA ALA A 235 5.85 13.28 -14.46
C ALA A 235 4.76 14.33 -14.24
N PHE A 236 3.84 14.06 -13.32
CA PHE A 236 2.74 14.98 -13.08
C PHE A 236 2.71 15.58 -11.69
N ALA A 237 3.87 15.62 -11.02
CA ALA A 237 3.97 16.16 -9.66
C ALA A 237 2.82 15.59 -8.80
N MET A 238 2.79 14.26 -8.71
CA MET A 238 1.76 13.54 -7.94
C MET A 238 2.34 12.55 -6.96
N THR A 239 3.51 12.85 -6.38
CA THR A 239 4.14 11.96 -5.43
C THR A 239 3.25 11.62 -4.23
N GLY A 240 2.54 12.60 -3.68
CA GLY A 240 1.67 12.35 -2.53
C GLY A 240 0.36 11.62 -2.82
N TRP A 241 0.02 11.46 -4.10
CA TRP A 241 -1.23 10.77 -4.48
C TRP A 241 -1.10 9.26 -4.43
N ARG A 242 0.15 8.78 -4.52
CA ARG A 242 0.47 7.36 -4.48
C ARG A 242 -0.21 6.49 -5.54
N ILE A 243 0.09 6.78 -6.80
CA ILE A 243 -0.45 6.01 -7.90
C ILE A 243 0.67 5.62 -8.86
N GLY A 244 0.93 4.33 -8.94
CA GLY A 244 1.95 3.81 -9.84
C GLY A 244 1.29 2.80 -10.77
N TYR A 245 2.03 2.33 -11.76
CA TYR A 245 1.52 1.35 -12.71
C TYR A 245 2.62 0.56 -13.37
N ALA A 246 2.29 -0.66 -13.76
CA ALA A 246 3.24 -1.53 -14.43
C ALA A 246 2.51 -2.36 -15.46
N CYS A 247 3.30 -2.94 -16.36
CA CYS A 247 2.76 -3.81 -17.40
C CYS A 247 3.80 -4.89 -17.63
N GLY A 248 3.37 -6.01 -18.21
CA GLY A 248 4.29 -7.11 -18.45
C GLY A 248 3.52 -8.40 -18.59
N PRO A 249 4.20 -9.55 -18.50
CA PRO A 249 3.56 -10.87 -18.62
C PRO A 249 2.31 -10.99 -17.73
N LYS A 250 1.19 -11.34 -18.35
CA LYS A 250 -0.11 -11.51 -17.71
C LYS A 250 -0.04 -12.27 -16.38
N GLU A 251 0.68 -13.38 -16.37
CA GLU A 251 0.80 -14.21 -15.16
C GLU A 251 1.50 -13.52 -13.99
N VAL A 252 2.45 -12.64 -14.32
CA VAL A 252 3.16 -11.91 -13.28
C VAL A 252 2.26 -10.79 -12.77
N ILE A 253 1.57 -10.12 -13.69
CA ILE A 253 0.66 -9.03 -13.36
C ILE A 253 -0.46 -9.52 -12.44
N LYS A 254 -0.97 -10.69 -12.77
CA LYS A 254 -2.03 -11.36 -12.02
C LYS A 254 -1.53 -11.69 -10.61
N ALA A 255 -0.27 -12.11 -10.49
CA ALA A 255 0.32 -12.44 -9.21
C ALA A 255 0.53 -11.18 -8.35
N MET A 256 0.90 -10.08 -9.00
CA MET A 256 1.11 -8.78 -8.32
C MET A 256 -0.21 -8.27 -7.74
N ALA A 257 -1.29 -8.46 -8.49
CA ALA A 257 -2.62 -8.06 -8.06
C ALA A 257 -3.05 -8.88 -6.84
N SER A 258 -2.60 -10.13 -6.77
CA SER A 258 -2.93 -11.00 -5.65
C SER A 258 -2.24 -10.51 -4.38
N VAL A 259 -1.02 -9.98 -4.54
CA VAL A 259 -0.25 -9.44 -3.42
C VAL A 259 -0.96 -8.17 -2.92
N SER A 260 -1.46 -7.37 -3.85
CA SER A 260 -2.19 -6.15 -3.50
C SER A 260 -3.46 -6.48 -2.74
N ARG A 261 -4.19 -7.49 -3.19
CA ARG A 261 -5.44 -7.89 -2.56
C ARG A 261 -5.30 -8.24 -1.07
N GLN A 262 -4.16 -8.84 -0.71
CA GLN A 262 -3.92 -9.23 0.69
C GLN A 262 -3.06 -8.24 1.49
N SER A 263 -2.83 -7.05 0.92
CA SER A 263 -2.05 -6.03 1.59
C SER A 263 -2.74 -4.67 1.62
N THR A 264 -2.86 -4.03 0.46
CA THR A 264 -3.48 -2.71 0.38
C THR A 264 -4.90 -2.73 -0.16
N THR A 265 -5.32 -3.89 -0.69
CA THR A 265 -6.64 -4.11 -1.30
C THR A 265 -6.67 -3.49 -2.69
N SER A 266 -6.48 -2.17 -2.78
CA SER A 266 -6.47 -1.44 -4.06
C SER A 266 -6.05 0.01 -3.76
N PRO A 267 -5.48 0.73 -4.75
CA PRO A 267 -5.10 2.11 -4.44
C PRO A 267 -6.34 2.99 -4.27
N ASP A 268 -6.18 4.12 -3.58
CA ASP A 268 -7.26 5.08 -3.34
C ASP A 268 -8.04 5.38 -4.63
N THR A 269 -9.36 5.17 -4.57
CA THR A 269 -10.26 5.40 -5.70
C THR A 269 -10.26 6.81 -6.29
N ILE A 270 -10.23 7.82 -5.42
CA ILE A 270 -10.22 9.22 -5.87
C ILE A 270 -8.96 9.49 -6.69
N ALA A 271 -7.83 8.97 -6.21
CA ALA A 271 -6.54 9.14 -6.90
C ALA A 271 -6.51 8.39 -8.25
N GLN A 272 -7.21 7.26 -8.34
CA GLN A 272 -7.24 6.51 -9.60
C GLN A 272 -8.00 7.29 -10.68
N TRP A 273 -9.09 7.94 -10.28
CA TRP A 273 -9.88 8.74 -11.22
C TRP A 273 -9.12 9.99 -11.64
N ALA A 274 -8.37 10.57 -10.70
CA ALA A 274 -7.59 11.76 -11.00
C ALA A 274 -6.47 11.40 -11.99
N THR A 275 -5.92 10.20 -11.83
CA THR A 275 -4.85 9.70 -12.69
C THR A 275 -5.35 9.42 -14.10
N LEU A 276 -6.61 8.99 -14.20
CA LEU A 276 -7.22 8.73 -15.51
C LEU A 276 -7.22 10.00 -16.32
N GLU A 277 -7.51 11.12 -15.66
CA GLU A 277 -7.53 12.43 -16.30
C GLU A 277 -6.15 12.83 -16.79
N ALA A 278 -5.12 12.57 -15.99
CA ALA A 278 -3.74 12.89 -16.38
C ALA A 278 -3.36 12.09 -17.62
N LEU A 279 -3.90 10.89 -17.76
CA LEU A 279 -3.56 10.04 -18.91
C LEU A 279 -4.37 10.33 -20.18
N THR A 280 -5.63 10.73 -20.02
CA THR A 280 -6.49 10.98 -21.15
C THR A 280 -6.56 12.42 -21.65
N ASN A 281 -6.30 13.39 -20.78
CA ASN A 281 -6.33 14.79 -21.21
C ASN A 281 -4.92 15.11 -21.67
N GLN A 282 -4.56 14.56 -22.82
CA GLN A 282 -3.24 14.72 -23.40
C GLN A 282 -2.79 16.16 -23.62
N GLU A 283 -3.71 17.03 -24.00
CA GLU A 283 -3.36 18.42 -24.24
C GLU A 283 -2.96 19.20 -22.98
N ALA A 284 -3.69 18.99 -21.87
CA ALA A 284 -3.36 19.68 -20.63
C ALA A 284 -2.14 19.04 -19.97
N SER A 285 -2.06 17.71 -20.05
CA SER A 285 -0.96 16.97 -19.46
C SER A 285 0.36 17.23 -20.16
N ARG A 286 0.35 17.36 -21.50
CA ARG A 286 1.58 17.63 -22.23
C ARG A 286 2.03 19.06 -21.97
N ALA A 287 1.08 19.96 -21.79
CA ALA A 287 1.41 21.34 -21.52
C ALA A 287 2.19 21.42 -20.21
N PHE A 288 1.78 20.61 -19.23
CA PHE A 288 2.44 20.58 -17.94
C PHE A 288 3.84 19.96 -18.04
N VAL A 289 3.92 18.82 -18.72
CA VAL A 289 5.18 18.11 -18.90
C VAL A 289 6.22 18.97 -19.60
N GLU A 290 5.80 19.65 -20.68
CA GLU A 290 6.71 20.51 -21.43
C GLU A 290 7.14 21.72 -20.60
N MET A 291 6.23 22.24 -19.79
CA MET A 291 6.51 23.39 -18.91
C MET A 291 7.55 22.98 -17.86
N ALA A 292 7.35 21.82 -17.25
CA ALA A 292 8.26 21.33 -16.24
C ALA A 292 9.61 20.95 -16.84
N ARG A 293 9.60 20.28 -17.99
CA ARG A 293 10.82 19.86 -18.68
C ARG A 293 11.70 21.06 -18.98
N GLU A 294 11.06 22.15 -19.41
CA GLU A 294 11.75 23.39 -19.73
C GLU A 294 12.40 23.98 -18.48
N ALA A 295 11.65 24.02 -17.39
CA ALA A 295 12.17 24.54 -16.13
C ALA A 295 13.35 23.72 -15.60
N TYR A 296 13.23 22.40 -15.66
CA TYR A 296 14.30 21.51 -15.19
C TYR A 296 15.57 21.71 -15.98
N ARG A 297 15.42 21.80 -17.30
CA ARG A 297 16.56 22.01 -18.19
C ARG A 297 17.32 23.29 -17.82
N ARG A 298 16.58 24.38 -17.58
CA ARG A 298 17.14 25.67 -17.17
C ARG A 298 17.96 25.49 -15.90
N ARG A 299 17.30 24.91 -14.89
CA ARG A 299 17.92 24.67 -13.59
C ARG A 299 19.14 23.77 -13.68
N ARG A 300 19.09 22.76 -14.53
CA ARG A 300 20.22 21.85 -14.68
C ARG A 300 21.45 22.60 -15.21
N ASP A 301 21.27 23.32 -16.32
CA ASP A 301 22.35 24.06 -16.96
C ASP A 301 22.98 25.06 -16.00
N LEU A 302 22.12 25.78 -15.29
CA LEU A 302 22.54 26.78 -14.33
C LEU A 302 23.44 26.10 -13.28
N LEU A 303 22.98 24.98 -12.74
CA LEU A 303 23.71 24.22 -11.72
C LEU A 303 25.06 23.72 -12.26
N LEU A 304 25.04 23.15 -13.46
CA LEU A 304 26.25 22.63 -14.08
C LEU A 304 27.28 23.71 -14.38
N GLU A 305 26.81 24.86 -14.84
CA GLU A 305 27.68 26.01 -15.14
C GLU A 305 28.38 26.40 -13.86
N GLY A 306 27.57 26.62 -12.82
CA GLY A 306 28.09 27.01 -11.52
C GLY A 306 29.12 26.08 -10.93
N LEU A 307 28.87 24.78 -11.01
CA LEU A 307 29.80 23.77 -10.47
C LEU A 307 31.13 23.82 -11.21
N THR A 308 31.03 23.83 -12.53
CA THR A 308 32.19 23.88 -13.42
C THR A 308 33.07 25.08 -13.04
N ALA A 309 32.43 26.23 -12.83
CA ALA A 309 33.13 27.45 -12.46
C ALA A 309 33.83 27.30 -11.11
N LEU A 310 33.27 26.47 -10.23
CA LEU A 310 33.86 26.24 -8.92
C LEU A 310 34.95 25.19 -8.99
N GLY A 311 35.08 24.55 -10.15
CA GLY A 311 36.08 23.51 -10.30
C GLY A 311 35.65 22.17 -9.74
N LEU A 312 34.34 22.02 -9.53
CA LEU A 312 33.78 20.77 -9.01
C LEU A 312 33.37 19.86 -10.15
N LYS A 313 33.66 18.57 -10.02
CA LYS A 313 33.35 17.56 -11.02
C LYS A 313 31.99 16.86 -10.83
N ALA A 314 31.30 16.64 -11.95
CA ALA A 314 30.01 15.96 -11.95
C ALA A 314 29.71 15.51 -13.37
N VAL A 315 29.09 14.34 -13.51
CA VAL A 315 28.74 13.81 -14.82
C VAL A 315 27.44 14.47 -15.27
N ARG A 316 27.44 15.02 -16.47
CA ARG A 316 26.27 15.73 -17.00
C ARG A 316 25.08 14.81 -17.25
N PRO A 317 23.98 15.05 -16.52
CA PRO A 317 22.74 14.28 -16.62
C PRO A 317 21.87 14.65 -17.82
N SER A 318 21.18 13.64 -18.37
CA SER A 318 20.30 13.84 -19.51
C SER A 318 18.83 13.66 -19.14
N GLY A 319 18.58 13.21 -17.91
CA GLY A 319 17.21 12.99 -17.46
C GLY A 319 17.05 13.09 -15.95
N ALA A 320 15.81 13.05 -15.48
CA ALA A 320 15.48 13.18 -14.06
C ALA A 320 15.88 14.60 -13.58
N PHE A 321 16.05 14.78 -12.27
CA PHE A 321 16.45 16.09 -11.75
C PHE A 321 17.52 15.97 -10.67
N TYR A 322 18.52 15.13 -10.95
CA TYR A 322 19.65 14.89 -10.05
C TYR A 322 20.99 15.03 -10.73
N VAL A 323 22.00 15.30 -9.92
CA VAL A 323 23.37 15.43 -10.40
C VAL A 323 24.23 14.78 -9.31
N LEU A 324 25.12 13.89 -9.70
CA LEU A 324 26.04 13.27 -8.75
C LEU A 324 27.36 14.05 -8.79
N MET A 325 27.65 14.73 -7.68
CA MET A 325 28.86 15.54 -7.59
C MET A 325 29.99 14.86 -6.85
N ASP A 326 31.16 14.89 -7.47
CA ASP A 326 32.39 14.32 -6.94
C ASP A 326 32.78 15.19 -5.74
N THR A 327 32.95 14.58 -4.56
CA THR A 327 33.29 15.33 -3.37
C THR A 327 34.75 15.29 -2.96
N SER A 328 35.62 14.78 -3.83
CA SER A 328 37.05 14.68 -3.55
C SER A 328 37.65 16.00 -3.03
N PRO A 329 37.40 17.12 -3.74
CA PRO A 329 37.95 18.40 -3.26
C PRO A 329 37.41 18.87 -1.91
N ILE A 330 36.31 18.30 -1.45
CA ILE A 330 35.71 18.70 -0.18
C ILE A 330 36.15 17.93 1.07
N ALA A 331 36.01 16.61 1.07
CA ALA A 331 36.40 15.84 2.23
C ALA A 331 36.87 14.44 1.84
N PRO A 332 37.50 13.71 2.80
CA PRO A 332 38.00 12.36 2.52
C PRO A 332 36.90 11.45 1.97
N ASP A 333 35.69 11.57 2.51
CA ASP A 333 34.56 10.76 2.06
C ASP A 333 33.30 11.61 1.92
N GLU A 334 32.28 11.04 1.28
CA GLU A 334 31.02 11.72 1.04
C GLU A 334 30.18 12.08 2.27
N VAL A 335 30.38 11.36 3.37
CA VAL A 335 29.61 11.66 4.57
C VAL A 335 30.21 12.91 5.20
N ARG A 336 31.55 12.96 5.18
CA ARG A 336 32.28 14.11 5.72
C ARG A 336 32.02 15.33 4.86
N ALA A 337 31.98 15.11 3.55
CA ALA A 337 31.73 16.18 2.60
C ALA A 337 30.32 16.75 2.81
N ALA A 338 29.37 15.87 3.11
CA ALA A 338 27.99 16.28 3.36
C ALA A 338 27.91 17.09 4.64
N GLU A 339 28.71 16.71 5.62
CA GLU A 339 28.74 17.41 6.90
C GLU A 339 29.35 18.82 6.73
N ARG A 340 30.44 18.92 5.96
CA ARG A 340 31.07 20.23 5.69
C ARG A 340 30.06 21.14 4.99
N LEU A 341 29.38 20.59 3.99
CA LEU A 341 28.37 21.34 3.24
C LEU A 341 27.27 21.84 4.14
N LEU A 342 26.85 21.01 5.10
CA LEU A 342 25.81 21.42 6.04
C LEU A 342 26.25 22.65 6.83
N GLU A 343 27.50 22.64 7.26
CA GLU A 343 28.09 23.75 8.03
C GLU A 343 28.07 24.98 7.14
N ALA A 344 28.32 24.77 5.84
CA ALA A 344 28.34 25.85 4.86
C ALA A 344 26.93 26.32 4.52
N GLY A 345 25.92 25.62 5.05
CA GLY A 345 24.54 26.00 4.82
C GLY A 345 23.76 25.32 3.70
N VAL A 346 24.28 24.21 3.16
CA VAL A 346 23.61 23.50 2.08
C VAL A 346 23.39 22.03 2.45
N ALA A 347 22.14 21.57 2.36
CA ALA A 347 21.79 20.19 2.67
C ALA A 347 21.78 19.35 1.40
N VAL A 348 22.64 18.35 1.35
CA VAL A 348 22.70 17.47 0.20
C VAL A 348 22.59 16.01 0.70
N VAL A 349 22.39 15.08 -0.23
CA VAL A 349 22.27 13.68 0.14
C VAL A 349 23.57 12.90 -0.11
N PRO A 350 24.14 12.29 0.95
CA PRO A 350 25.38 11.52 0.75
C PRO A 350 25.14 10.34 -0.21
N GLY A 351 26.15 10.04 -1.04
CA GLY A 351 26.00 8.97 -2.01
C GLY A 351 26.09 7.58 -1.45
N THR A 352 26.43 7.49 -0.16
CA THR A 352 26.59 6.25 0.57
C THR A 352 25.55 5.16 0.32
N ASP A 353 24.29 5.45 0.57
CA ASP A 353 23.21 4.47 0.40
C ASP A 353 22.92 4.05 -1.04
N PHE A 354 23.35 4.85 -2.01
CA PHE A 354 23.15 4.54 -3.43
C PHE A 354 24.36 3.80 -3.98
N ALA A 355 25.34 3.54 -3.11
CA ALA A 355 26.59 2.89 -3.51
C ALA A 355 27.35 3.86 -4.43
N ALA A 356 27.15 5.17 -4.20
CA ALA A 356 27.81 6.22 -4.96
C ALA A 356 28.83 6.86 -4.03
N PHE A 357 29.82 6.08 -3.59
CA PHE A 357 30.85 6.58 -2.69
C PHE A 357 31.67 7.68 -3.35
N GLY A 358 32.10 8.64 -2.55
CA GLY A 358 32.88 9.75 -3.05
C GLY A 358 32.02 10.74 -3.82
N HIS A 359 30.71 10.63 -3.67
CA HIS A 359 29.77 11.51 -4.34
C HIS A 359 28.66 11.93 -3.43
N VAL A 360 27.95 12.96 -3.88
CA VAL A 360 26.86 13.53 -3.13
C VAL A 360 25.78 13.78 -4.19
N ARG A 361 24.52 13.47 -3.86
CA ARG A 361 23.44 13.69 -4.81
C ARG A 361 22.82 15.06 -4.60
N LEU A 362 22.76 15.82 -5.69
CA LEU A 362 22.17 17.14 -5.65
C LEU A 362 20.89 17.04 -6.45
N SER A 363 19.85 17.70 -5.98
CA SER A 363 18.58 17.69 -6.68
C SER A 363 18.27 19.12 -7.11
N TYR A 364 17.86 19.31 -8.36
CA TYR A 364 17.52 20.66 -8.82
C TYR A 364 16.01 20.84 -9.02
N ALA A 365 15.24 20.18 -8.15
CA ALA A 365 13.79 20.29 -8.15
C ALA A 365 13.44 21.40 -7.16
N THR A 366 14.08 22.55 -7.35
CA THR A 366 13.88 23.74 -6.52
C THR A 366 14.08 24.94 -7.44
N SER A 367 13.74 26.12 -6.95
CA SER A 367 13.87 27.36 -7.71
C SER A 367 15.32 27.73 -8.05
N GLU A 368 15.49 28.45 -9.15
CA GLU A 368 16.79 28.89 -9.60
C GLU A 368 17.46 29.74 -8.52
N GLU A 369 16.66 30.49 -7.79
CA GLU A 369 17.15 31.35 -6.72
C GLU A 369 17.84 30.54 -5.63
N ASN A 370 17.26 29.40 -5.28
CA ASN A 370 17.85 28.53 -4.27
C ASN A 370 19.12 27.89 -4.81
N LEU A 371 19.11 27.55 -6.09
CA LEU A 371 20.29 26.96 -6.72
C LEU A 371 21.44 27.98 -6.68
N ARG A 372 21.13 29.24 -6.98
CA ARG A 372 22.12 30.31 -6.95
C ARG A 372 22.65 30.52 -5.54
N LYS A 373 21.77 30.42 -4.56
CA LYS A 373 22.12 30.58 -3.15
C LYS A 373 23.07 29.46 -2.72
N ALA A 374 22.83 28.25 -3.20
CA ALA A 374 23.67 27.09 -2.86
C ALA A 374 25.05 27.23 -3.48
N LEU A 375 25.12 27.57 -4.77
CA LEU A 375 26.39 27.72 -5.46
C LEU A 375 27.28 28.73 -4.75
N GLU A 376 26.67 29.80 -4.27
CA GLU A 376 27.35 30.86 -3.54
C GLU A 376 27.98 30.31 -2.26
N ARG A 377 27.22 29.48 -1.54
CA ARG A 377 27.68 28.87 -0.28
C ARG A 377 28.77 27.83 -0.53
N PHE A 378 28.76 27.21 -1.70
CA PHE A 378 29.76 26.20 -2.08
C PHE A 378 31.19 26.76 -2.06
N ALA A 379 31.32 28.08 -2.18
CA ALA A 379 32.63 28.75 -2.17
C ALA A 379 33.35 28.53 -0.85
N ARG A 380 32.58 28.40 0.23
CA ARG A 380 33.12 28.22 1.57
C ARG A 380 33.75 26.87 1.89
N VAL A 381 33.54 25.86 1.06
CA VAL A 381 34.14 24.56 1.37
C VAL A 381 35.28 24.11 0.46
N LEU A 382 35.95 25.08 -0.17
CA LEU A 382 37.09 24.78 -1.05
C LEU A 382 38.43 25.01 -0.33
N MET B 1 16.42 -17.69 -14.35
CA MET B 1 15.16 -18.47 -14.50
C MET B 1 13.95 -17.59 -14.26
N ARG B 2 12.85 -17.89 -14.93
CA ARG B 2 11.64 -17.12 -14.73
C ARG B 2 10.71 -17.93 -13.85
N GLY B 3 9.49 -17.46 -13.63
CA GLY B 3 8.56 -18.18 -12.79
C GLY B 3 8.31 -17.48 -11.47
N LEU B 4 7.10 -17.68 -10.96
CA LEU B 4 6.64 -17.08 -9.72
C LEU B 4 7.22 -17.69 -8.44
N SER B 5 7.18 -16.89 -7.38
CA SER B 5 7.65 -17.30 -6.07
C SER B 5 6.65 -18.29 -5.48
N ARG B 6 7.09 -19.04 -4.48
CA ARG B 6 6.24 -20.02 -3.82
C ARG B 6 5.13 -19.36 -3.02
N ARG B 7 5.45 -18.26 -2.33
CA ARG B 7 4.44 -17.56 -1.53
C ARG B 7 3.26 -17.11 -2.37
N VAL B 8 3.53 -16.69 -3.60
CA VAL B 8 2.46 -16.22 -4.45
C VAL B 8 1.66 -17.37 -5.09
N GLN B 9 2.33 -18.51 -5.31
CA GLN B 9 1.69 -19.68 -5.92
C GLN B 9 0.88 -20.45 -4.84
N ALA B 10 1.25 -20.25 -3.57
CA ALA B 10 0.55 -20.90 -2.45
C ALA B 10 -0.71 -20.16 -2.07
N MET B 11 -0.90 -18.97 -2.63
CA MET B 11 -2.06 -18.13 -2.35
C MET B 11 -3.36 -18.70 -2.91
N LYS B 12 -4.42 -18.58 -2.12
CA LYS B 12 -5.74 -19.07 -2.51
C LYS B 12 -6.54 -18.07 -3.28
N PRO B 13 -7.20 -18.50 -4.35
CA PRO B 13 -8.06 -17.61 -5.17
C PRO B 13 -9.45 -17.41 -4.54
N GLY B 30 -30.04 -10.10 -18.30
CA GLY B 30 -31.12 -9.19 -17.82
C GLY B 30 -31.83 -9.59 -16.54
N VAL B 31 -31.26 -10.54 -15.79
CA VAL B 31 -31.85 -11.01 -14.54
C VAL B 31 -31.70 -10.01 -13.40
N ASP B 32 -32.78 -9.76 -12.66
CA ASP B 32 -32.74 -8.84 -11.54
C ASP B 32 -32.24 -9.54 -10.28
N LEU B 33 -31.08 -9.12 -9.81
CA LEU B 33 -30.49 -9.71 -8.62
C LEU B 33 -30.49 -8.71 -7.48
N VAL B 34 -30.78 -9.21 -6.30
CA VAL B 34 -30.73 -8.40 -5.09
C VAL B 34 -29.43 -8.85 -4.45
N ALA B 35 -28.47 -7.94 -4.33
CA ALA B 35 -27.17 -8.26 -3.73
C ALA B 35 -27.08 -7.94 -2.25
N LEU B 36 -26.74 -8.96 -1.47
CA LEU B 36 -26.56 -8.84 -0.01
C LEU B 36 -25.12 -9.27 0.28
N THR B 37 -24.22 -8.90 -0.61
CA THR B 37 -22.80 -9.27 -0.52
C THR B 37 -21.84 -8.17 -0.06
N ALA B 38 -22.30 -6.92 -0.02
CA ALA B 38 -21.45 -5.77 0.34
C ALA B 38 -20.59 -5.86 1.60
N GLY B 39 -19.35 -5.40 1.48
CA GLY B 39 -18.44 -5.38 2.61
C GLY B 39 -18.09 -3.94 2.97
N GLU B 40 -18.93 -3.02 2.49
CA GLU B 40 -18.72 -1.60 2.73
C GLU B 40 -20.06 -0.88 2.87
N PRO B 41 -20.08 0.23 3.62
CA PRO B 41 -21.29 1.02 3.83
C PRO B 41 -21.93 1.45 2.53
N ASP B 42 -23.25 1.59 2.52
CA ASP B 42 -23.96 2.06 1.33
C ASP B 42 -23.98 3.61 1.31
N PHE B 43 -23.74 4.23 2.46
CA PHE B 43 -23.69 5.69 2.55
C PHE B 43 -22.40 6.19 1.94
N ASP B 44 -22.41 7.44 1.49
CA ASP B 44 -21.23 8.07 0.92
C ASP B 44 -20.48 8.70 2.10
N THR B 45 -19.20 9.01 1.91
CA THR B 45 -18.44 9.61 2.99
C THR B 45 -18.99 11.01 3.30
N PRO B 46 -19.16 11.31 4.59
CA PRO B 46 -19.70 12.61 5.02
C PRO B 46 -18.98 13.84 4.44
N GLU B 47 -19.77 14.89 4.21
CA GLU B 47 -19.26 16.13 3.63
C GLU B 47 -18.14 16.83 4.37
N HIS B 48 -18.10 16.74 5.69
CA HIS B 48 -17.01 17.42 6.38
C HIS B 48 -15.66 16.82 6.00
N VAL B 49 -15.64 15.52 5.72
CA VAL B 49 -14.43 14.82 5.32
C VAL B 49 -14.11 15.17 3.85
N LYS B 50 -15.13 15.15 3.00
CA LYS B 50 -14.96 15.50 1.58
C LYS B 50 -14.43 16.92 1.48
N GLU B 51 -14.99 17.82 2.28
CA GLU B 51 -14.59 19.22 2.28
C GLU B 51 -13.12 19.40 2.70
N ALA B 52 -12.68 18.60 3.66
CA ALA B 52 -11.31 18.67 4.11
C ALA B 52 -10.38 18.21 2.98
N ALA B 53 -10.85 17.28 2.15
CA ALA B 53 -10.06 16.78 1.02
C ALA B 53 -9.92 17.91 0.01
N ARG B 54 -11.01 18.63 -0.21
CA ARG B 54 -11.02 19.77 -1.13
C ARG B 54 -10.03 20.86 -0.66
N ARG B 55 -9.99 21.15 0.64
CA ARG B 55 -9.07 22.17 1.16
C ARG B 55 -7.61 21.72 0.98
N ALA B 56 -7.34 20.44 1.21
CA ALA B 56 -5.99 19.91 1.06
C ALA B 56 -5.53 20.05 -0.40
N LEU B 57 -6.42 19.78 -1.35
CA LEU B 57 -6.12 19.89 -2.77
C LEU B 57 -5.74 21.33 -3.12
N ALA B 58 -6.62 22.25 -2.74
CA ALA B 58 -6.41 23.67 -2.99
C ALA B 58 -5.18 24.22 -2.25
N GLN B 59 -4.80 23.57 -1.16
CA GLN B 59 -3.64 24.00 -0.39
C GLN B 59 -2.36 23.31 -0.85
N GLY B 60 -2.45 22.58 -1.96
CA GLY B 60 -1.29 21.90 -2.50
C GLY B 60 -0.63 20.84 -1.64
N LYS B 61 -1.39 20.18 -0.77
CA LYS B 61 -0.83 19.11 0.08
C LYS B 61 -0.81 17.84 -0.75
N THR B 62 0.08 17.82 -1.74
CA THR B 62 0.19 16.73 -2.69
C THR B 62 1.58 16.10 -2.76
N LYS B 63 2.36 16.29 -1.71
CA LYS B 63 3.73 15.78 -1.64
C LYS B 63 3.83 14.54 -0.76
N TYR B 64 4.99 13.89 -0.79
CA TYR B 64 5.22 12.71 0.03
C TYR B 64 5.04 13.02 1.50
N ALA B 65 4.47 12.07 2.24
CA ALA B 65 4.26 12.21 3.67
C ALA B 65 5.23 11.23 4.32
N PRO B 66 5.48 11.35 5.64
CA PRO B 66 6.40 10.43 6.34
C PRO B 66 5.80 9.01 6.29
N PRO B 67 6.64 7.96 6.34
CA PRO B 67 6.19 6.57 6.28
C PRO B 67 5.12 6.18 7.30
N ALA B 68 5.20 6.73 8.51
CA ALA B 68 4.23 6.42 9.56
C ALA B 68 3.00 7.33 9.53
N GLY B 69 3.00 8.30 8.62
CA GLY B 69 1.87 9.21 8.50
C GLY B 69 2.24 10.62 8.90
N ILE B 70 1.47 11.61 8.43
CA ILE B 70 1.72 13.01 8.79
C ILE B 70 1.60 13.12 10.30
N PRO B 71 2.51 13.87 10.94
CA PRO B 71 2.50 14.03 12.40
C PRO B 71 1.18 14.51 13.03
N GLU B 72 0.46 15.37 12.33
CA GLU B 72 -0.82 15.88 12.85
C GLU B 72 -1.81 14.73 13.03
N LEU B 73 -1.83 13.79 12.09
CA LEU B 73 -2.75 12.66 12.17
C LEU B 73 -2.31 11.71 13.27
N ARG B 74 -1.00 11.52 13.43
CA ARG B 74 -0.50 10.64 14.46
C ARG B 74 -0.86 11.19 15.85
N GLU B 75 -0.87 12.52 15.97
CA GLU B 75 -1.24 13.17 17.21
C GLU B 75 -2.72 12.97 17.49
N ALA B 76 -3.53 13.16 16.44
CA ALA B 76 -4.98 12.99 16.55
C ALA B 76 -5.33 11.53 16.89
N LEU B 77 -4.51 10.61 16.36
CA LEU B 77 -4.68 9.19 16.58
C LEU B 77 -4.43 8.84 18.03
N ALA B 78 -3.39 9.44 18.61
CA ALA B 78 -3.07 9.18 20.01
C ALA B 78 -4.24 9.65 20.88
N GLU B 79 -4.91 10.71 20.45
CA GLU B 79 -6.07 11.25 21.17
C GLU B 79 -7.29 10.34 21.08
N LYS B 80 -7.57 9.88 19.87
CA LYS B 80 -8.70 8.98 19.60
C LYS B 80 -8.57 7.67 20.39
N PHE B 81 -7.39 7.05 20.35
CA PHE B 81 -7.15 5.80 21.05
C PHE B 81 -7.29 5.94 22.56
N ARG B 82 -6.85 7.07 23.11
CA ARG B 82 -6.99 7.29 24.54
C ARG B 82 -8.44 7.67 24.91
N ARG B 83 -8.99 8.66 24.22
CA ARG B 83 -10.35 9.14 24.48
C ARG B 83 -11.46 8.13 24.23
N GLU B 84 -11.44 7.48 23.07
CA GLU B 84 -12.45 6.51 22.71
C GLU B 84 -12.21 5.09 23.20
N ASN B 85 -10.94 4.68 23.28
CA ASN B 85 -10.64 3.31 23.67
C ASN B 85 -9.91 3.09 24.97
N GLY B 86 -9.60 4.16 25.69
CA GLY B 86 -8.90 4.02 26.95
C GLY B 86 -7.50 3.44 26.84
N LEU B 87 -6.88 3.61 25.68
CA LEU B 87 -5.53 3.12 25.42
C LEU B 87 -4.49 4.19 25.77
N SER B 88 -3.47 3.83 26.54
CA SER B 88 -2.42 4.77 26.90
C SER B 88 -1.30 4.72 25.88
N VAL B 89 -1.45 5.47 24.79
CA VAL B 89 -0.44 5.48 23.75
C VAL B 89 0.06 6.89 23.44
N THR B 90 1.30 7.00 22.97
CA THR B 90 1.90 8.28 22.58
C THR B 90 1.79 8.37 21.05
N PRO B 91 2.03 9.57 20.48
CA PRO B 91 1.95 9.73 19.02
C PRO B 91 2.90 8.77 18.27
N GLU B 92 4.01 8.43 18.90
CA GLU B 92 5.01 7.52 18.31
C GLU B 92 4.59 6.05 18.31
N GLU B 93 3.54 5.71 19.04
CA GLU B 93 3.05 4.33 19.10
C GLU B 93 1.80 4.19 18.24
N THR B 94 1.73 5.05 17.23
CA THR B 94 0.62 5.16 16.33
C THR B 94 1.16 5.12 14.90
N ILE B 95 0.37 4.58 13.97
CA ILE B 95 0.80 4.52 12.57
C ILE B 95 -0.39 4.59 11.62
N VAL B 96 -0.19 5.30 10.51
CA VAL B 96 -1.22 5.43 9.47
C VAL B 96 -0.81 4.49 8.33
N THR B 97 -1.78 3.74 7.81
CA THR B 97 -1.49 2.78 6.74
C THR B 97 -2.52 2.88 5.62
N VAL B 98 -2.23 2.17 4.53
CA VAL B 98 -3.13 2.12 3.36
C VAL B 98 -4.23 1.11 3.69
N GLY B 99 -5.20 1.58 4.48
CA GLY B 99 -6.29 0.75 4.92
C GLY B 99 -5.88 -0.10 6.11
N GLY B 100 -6.87 -0.59 6.85
CA GLY B 100 -6.58 -1.45 7.98
C GLY B 100 -5.95 -2.74 7.46
N SER B 101 -6.19 -3.07 6.19
CA SER B 101 -5.62 -4.29 5.62
C SER B 101 -4.08 -4.19 5.58
N GLN B 102 -3.53 -3.00 5.32
CA GLN B 102 -2.08 -2.87 5.30
C GLN B 102 -1.47 -2.89 6.68
N ALA B 103 -2.23 -2.43 7.68
CA ALA B 103 -1.77 -2.45 9.07
C ALA B 103 -1.55 -3.91 9.49
N LEU B 104 -2.49 -4.77 9.11
CA LEU B 104 -2.41 -6.20 9.43
C LEU B 104 -1.28 -6.88 8.64
N PHE B 105 -1.18 -6.57 7.34
CA PHE B 105 -0.14 -7.13 6.49
C PHE B 105 1.26 -6.77 7.00
N ASN B 106 1.50 -5.48 7.24
CA ASN B 106 2.80 -5.02 7.75
C ASN B 106 3.15 -5.64 9.11
N LEU B 107 2.13 -5.76 9.95
CA LEU B 107 2.26 -6.34 11.29
C LEU B 107 2.80 -7.77 11.20
N PHE B 108 2.19 -8.60 10.36
CA PHE B 108 2.64 -9.98 10.18
C PHE B 108 4.02 -10.06 9.56
N GLN B 109 4.30 -9.19 8.60
CA GLN B 109 5.61 -9.17 7.97
C GLN B 109 6.66 -8.75 9.01
N ALA B 110 6.22 -7.99 10.01
CA ALA B 110 7.11 -7.50 11.05
C ALA B 110 7.30 -8.43 12.24
N ILE B 111 6.34 -9.32 12.50
CA ILE B 111 6.50 -10.22 13.65
C ILE B 111 6.65 -11.71 13.36
N LEU B 112 6.40 -12.13 12.12
CA LEU B 112 6.48 -13.56 11.80
C LEU B 112 7.69 -14.05 11.02
N ASP B 113 8.33 -15.07 11.58
CA ASP B 113 9.44 -15.75 10.94
C ASP B 113 8.76 -17.01 10.43
N PRO B 114 9.31 -17.65 9.39
CA PRO B 114 8.66 -18.87 8.88
C PRO B 114 8.49 -19.90 9.99
N GLY B 115 7.29 -20.48 10.10
CA GLY B 115 7.04 -21.46 11.14
C GLY B 115 6.35 -20.91 12.38
N ASP B 116 6.35 -19.59 12.57
CA ASP B 116 5.67 -19.01 13.73
C ASP B 116 4.17 -19.25 13.59
N GLU B 117 3.52 -19.58 14.69
CA GLU B 117 2.09 -19.85 14.69
C GLU B 117 1.21 -18.66 15.11
N VAL B 118 0.07 -18.55 14.43
CA VAL B 118 -0.90 -17.52 14.74
C VAL B 118 -2.26 -18.19 14.90
N ILE B 119 -2.87 -17.98 16.06
CA ILE B 119 -4.19 -18.53 16.35
C ILE B 119 -5.25 -17.59 15.80
N VAL B 120 -6.11 -18.14 14.96
CA VAL B 120 -7.20 -17.38 14.37
C VAL B 120 -8.49 -18.05 14.85
N LEU B 121 -9.52 -17.25 15.06
CA LEU B 121 -10.81 -17.73 15.53
C LEU B 121 -11.81 -17.79 14.37
N SER B 122 -12.34 -18.97 14.10
CA SER B 122 -13.29 -19.11 13.01
C SER B 122 -14.72 -18.99 13.54
N PRO B 123 -15.65 -18.45 12.74
CA PRO B 123 -15.45 -17.96 11.37
C PRO B 123 -14.57 -16.72 11.39
N TYR B 124 -13.65 -16.62 10.44
CA TYR B 124 -12.76 -15.48 10.39
C TYR B 124 -12.87 -14.74 9.09
N TRP B 125 -12.41 -13.50 9.11
CA TRP B 125 -12.39 -12.66 7.93
C TRP B 125 -11.39 -13.36 7.00
N VAL B 126 -11.78 -13.47 5.73
CA VAL B 126 -11.00 -14.14 4.70
C VAL B 126 -9.50 -13.85 4.64
N SER B 127 -9.13 -12.59 4.83
CA SER B 127 -7.73 -12.19 4.72
C SER B 127 -6.73 -12.66 5.77
N TYR B 128 -7.19 -12.92 6.99
CA TYR B 128 -6.27 -13.35 8.07
C TYR B 128 -5.34 -14.52 7.76
N PRO B 129 -5.89 -15.71 7.37
CA PRO B 129 -5.02 -16.86 7.08
C PRO B 129 -4.08 -16.57 5.92
N GLU B 130 -4.57 -15.84 4.92
CA GLU B 130 -3.77 -15.52 3.75
C GLU B 130 -2.56 -14.66 4.11
N MET B 131 -2.78 -13.64 4.93
CA MET B 131 -1.71 -12.76 5.35
C MET B 131 -0.71 -13.48 6.23
N VAL B 132 -1.21 -14.38 7.07
CA VAL B 132 -0.34 -15.12 7.96
C VAL B 132 0.53 -16.07 7.14
N ARG B 133 -0.08 -16.74 6.17
CA ARG B 133 0.66 -17.67 5.31
C ARG B 133 1.65 -16.99 4.40
N PHE B 134 1.27 -15.83 3.88
CA PHE B 134 2.14 -15.06 2.98
C PHE B 134 3.45 -14.66 3.67
N ALA B 135 3.41 -14.54 4.99
CA ALA B 135 4.59 -14.18 5.77
C ALA B 135 5.36 -15.43 6.24
N GLY B 136 4.90 -16.60 5.80
CA GLY B 136 5.55 -17.85 6.19
C GLY B 136 5.06 -18.43 7.51
N GLY B 137 3.98 -17.88 8.05
CA GLY B 137 3.44 -18.36 9.31
C GLY B 137 2.51 -19.56 9.16
N VAL B 138 2.20 -20.18 10.30
CA VAL B 138 1.32 -21.34 10.36
C VAL B 138 0.03 -20.93 11.04
N VAL B 139 -1.09 -21.16 10.37
CA VAL B 139 -2.39 -20.83 10.91
C VAL B 139 -2.89 -21.97 11.83
N VAL B 140 -3.30 -21.62 13.04
CA VAL B 140 -3.84 -22.59 14.00
C VAL B 140 -5.24 -22.08 14.34
N GLU B 141 -6.24 -22.79 13.83
CA GLU B 141 -7.62 -22.41 14.00
C GLU B 141 -8.29 -22.90 15.28
N VAL B 142 -9.08 -22.02 15.87
CA VAL B 142 -9.85 -22.34 17.07
C VAL B 142 -11.25 -21.94 16.65
N GLU B 143 -12.20 -22.84 16.80
CA GLU B 143 -13.55 -22.52 16.39
C GLU B 143 -14.43 -21.94 17.47
N THR B 144 -15.32 -21.05 17.04
CA THR B 144 -16.29 -20.45 17.93
C THR B 144 -17.61 -21.10 17.46
N LEU B 145 -18.49 -21.37 18.40
CA LEU B 145 -19.75 -22.05 18.11
C LEU B 145 -20.99 -21.17 18.04
N PRO B 146 -21.90 -21.47 17.09
CA PRO B 146 -23.15 -20.74 16.89
C PRO B 146 -23.98 -20.79 18.16
N GLU B 147 -23.87 -21.90 18.90
CA GLU B 147 -24.63 -22.08 20.13
C GLU B 147 -24.08 -21.22 21.27
N GLU B 148 -22.85 -20.75 21.10
CA GLU B 148 -22.23 -19.90 22.10
C GLU B 148 -22.17 -18.48 21.56
N GLY B 149 -23.01 -18.22 20.56
CA GLY B 149 -23.08 -16.91 19.94
C GLY B 149 -21.81 -16.49 19.23
N PHE B 150 -21.02 -17.46 18.79
CA PHE B 150 -19.75 -17.22 18.10
C PHE B 150 -18.76 -16.41 18.96
N VAL B 151 -18.90 -16.54 20.28
CA VAL B 151 -18.00 -15.86 21.20
C VAL B 151 -16.97 -16.91 21.61
N PRO B 152 -15.66 -16.59 21.49
CA PRO B 152 -14.66 -17.58 21.88
C PRO B 152 -14.69 -18.02 23.34
N ASP B 153 -14.32 -19.27 23.55
CA ASP B 153 -14.23 -19.87 24.87
C ASP B 153 -12.73 -19.87 25.13
N PRO B 154 -12.27 -19.05 26.09
CA PRO B 154 -10.85 -18.97 26.40
C PRO B 154 -10.22 -20.34 26.67
N GLU B 155 -11.05 -21.30 27.07
CA GLU B 155 -10.59 -22.64 27.35
C GLU B 155 -10.17 -23.37 26.07
N ARG B 156 -10.91 -23.15 24.98
CA ARG B 156 -10.58 -23.75 23.70
C ARG B 156 -9.35 -23.08 23.11
N VAL B 157 -9.21 -21.79 23.40
CA VAL B 157 -8.06 -21.03 22.91
C VAL B 157 -6.76 -21.50 23.59
N ARG B 158 -6.81 -21.77 24.90
CA ARG B 158 -5.61 -22.22 25.63
C ARG B 158 -5.02 -23.47 24.97
N ARG B 159 -5.88 -24.41 24.56
CA ARG B 159 -5.44 -25.64 23.91
C ARG B 159 -4.67 -25.45 22.62
N ALA B 160 -4.82 -24.29 21.98
CA ALA B 160 -4.14 -24.03 20.73
C ALA B 160 -2.77 -23.38 20.93
N ILE B 161 -2.43 -23.05 22.17
CA ILE B 161 -1.16 -22.41 22.49
C ILE B 161 -0.04 -23.43 22.55
N THR B 162 1.04 -23.13 21.84
CA THR B 162 2.22 -23.98 21.79
C THR B 162 3.43 -23.06 21.94
N PRO B 163 4.65 -23.63 22.08
CA PRO B 163 5.85 -22.79 22.23
C PRO B 163 6.11 -21.89 21.01
N ARG B 164 5.46 -22.21 19.89
CA ARG B 164 5.62 -21.45 18.66
C ARG B 164 4.60 -20.33 18.47
N THR B 165 3.60 -20.24 19.35
CA THR B 165 2.59 -19.19 19.21
C THR B 165 3.20 -17.80 19.27
N LYS B 166 2.96 -17.03 18.20
CA LYS B 166 3.47 -15.68 18.07
C LYS B 166 2.36 -14.67 18.28
N ALA B 167 1.17 -15.01 17.84
CA ALA B 167 0.04 -14.11 17.92
C ALA B 167 -1.32 -14.78 17.95
N LEU B 168 -2.30 -14.03 18.42
CA LEU B 168 -3.70 -14.43 18.50
C LEU B 168 -4.48 -13.27 17.91
N VAL B 169 -5.28 -13.54 16.88
CA VAL B 169 -6.07 -12.50 16.25
C VAL B 169 -7.50 -12.54 16.78
N VAL B 170 -7.97 -11.39 17.28
CA VAL B 170 -9.32 -11.25 17.79
C VAL B 170 -9.97 -10.12 16.99
N ASN B 171 -11.21 -10.33 16.57
CA ASN B 171 -11.94 -9.35 15.77
C ASN B 171 -13.36 -9.14 16.33
N SER B 172 -13.52 -8.08 17.09
CA SER B 172 -14.81 -7.73 17.68
C SER B 172 -15.05 -6.21 17.59
N PRO B 173 -16.20 -5.77 17.02
CA PRO B 173 -17.29 -6.56 16.45
C PRO B 173 -16.78 -7.39 15.27
N ASN B 174 -17.29 -8.60 15.17
CA ASN B 174 -16.84 -9.57 14.16
C ASN B 174 -17.41 -9.58 12.74
N ASN B 175 -16.52 -9.83 11.78
CA ASN B 175 -16.87 -10.01 10.38
C ASN B 175 -16.38 -11.45 10.29
N PRO B 176 -17.23 -12.39 9.85
CA PRO B 176 -18.63 -12.29 9.41
C PRO B 176 -19.78 -12.53 10.38
N THR B 177 -19.50 -12.89 11.63
CA THR B 177 -20.58 -13.21 12.58
C THR B 177 -21.40 -12.07 13.16
N GLY B 178 -20.81 -10.88 13.29
CA GLY B 178 -21.53 -9.76 13.86
C GLY B 178 -21.51 -9.80 15.38
N ALA B 179 -20.78 -10.77 15.94
CA ALA B 179 -20.69 -10.90 17.39
C ALA B 179 -19.83 -9.82 18.04
N VAL B 180 -20.24 -9.44 19.24
CA VAL B 180 -19.51 -8.46 20.03
C VAL B 180 -19.09 -9.24 21.25
N TYR B 181 -17.79 -9.33 21.47
CA TYR B 181 -17.28 -10.10 22.60
C TYR B 181 -17.33 -9.32 23.90
N PRO B 182 -17.83 -9.96 24.96
CA PRO B 182 -17.93 -9.33 26.28
C PRO B 182 -16.52 -9.00 26.81
N LYS B 183 -16.41 -7.97 27.64
CA LYS B 183 -15.11 -7.58 28.17
C LYS B 183 -14.39 -8.65 28.96
N GLU B 184 -15.14 -9.51 29.66
CA GLU B 184 -14.53 -10.58 30.43
C GLU B 184 -13.79 -11.56 29.55
N VAL B 185 -14.34 -11.83 28.36
CA VAL B 185 -13.72 -12.75 27.40
C VAL B 185 -12.44 -12.14 26.86
N LEU B 186 -12.52 -10.86 26.49
CA LEU B 186 -11.39 -10.12 25.97
C LEU B 186 -10.27 -10.01 27.01
N GLU B 187 -10.64 -9.82 28.27
CA GLU B 187 -9.67 -9.71 29.35
C GLU B 187 -9.00 -11.07 29.52
N ALA B 188 -9.80 -12.14 29.42
CA ALA B 188 -9.28 -13.50 29.54
C ALA B 188 -8.26 -13.81 28.43
N LEU B 189 -8.51 -13.32 27.22
CA LEU B 189 -7.59 -13.53 26.11
C LEU B 189 -6.30 -12.71 26.28
N ALA B 190 -6.44 -11.50 26.82
CA ALA B 190 -5.29 -10.64 27.05
C ALA B 190 -4.40 -11.30 28.08
N ARG B 191 -5.03 -11.98 29.05
CA ARG B 191 -4.30 -12.66 30.11
C ARG B 191 -3.48 -13.83 29.57
N LEU B 192 -4.01 -14.54 28.57
CA LEU B 192 -3.30 -15.66 27.97
C LEU B 192 -2.05 -15.16 27.25
N ALA B 193 -2.20 -14.03 26.57
CA ALA B 193 -1.10 -13.41 25.84
C ALA B 193 0.04 -13.04 26.78
N VAL B 194 -0.34 -12.51 27.94
CA VAL B 194 0.63 -12.11 28.96
C VAL B 194 1.29 -13.32 29.58
N GLU B 195 0.47 -14.32 29.94
CA GLU B 195 0.97 -15.53 30.57
C GLU B 195 1.84 -16.36 29.66
N HIS B 196 1.49 -16.42 28.38
CA HIS B 196 2.25 -17.21 27.42
C HIS B 196 3.18 -16.41 26.54
N ASP B 197 3.24 -15.10 26.79
CA ASP B 197 4.15 -14.23 26.07
C ASP B 197 3.97 -14.15 24.54
N PHE B 198 2.80 -13.76 24.06
CA PHE B 198 2.63 -13.59 22.62
C PHE B 198 1.86 -12.31 22.34
N TYR B 199 1.75 -11.91 21.09
CA TYR B 199 1.02 -10.69 20.75
C TYR B 199 -0.48 -10.95 20.56
N LEU B 200 -1.29 -10.00 21.00
CA LEU B 200 -2.73 -10.06 20.84
C LEU B 200 -3.01 -9.00 19.77
N VAL B 201 -3.54 -9.43 18.63
CA VAL B 201 -3.86 -8.54 17.50
C VAL B 201 -5.36 -8.28 17.58
N SER B 202 -5.74 -7.06 17.91
CA SER B 202 -7.15 -6.73 18.05
C SER B 202 -7.67 -5.86 16.90
N ASP B 203 -8.47 -6.47 16.02
CA ASP B 203 -9.04 -5.79 14.85
C ASP B 203 -10.37 -5.15 15.25
N GLU B 204 -10.30 -3.86 15.53
CA GLU B 204 -11.45 -3.11 15.99
C GLU B 204 -12.13 -2.15 15.01
N ILE B 205 -11.96 -2.36 13.69
CA ILE B 205 -12.57 -1.46 12.69
C ILE B 205 -14.09 -1.28 12.75
N TYR B 206 -14.81 -2.19 13.39
CA TYR B 206 -16.26 -2.07 13.47
C TYR B 206 -16.73 -1.46 14.78
N GLU B 207 -15.80 -0.93 15.58
CA GLU B 207 -16.13 -0.36 16.88
C GLU B 207 -17.37 0.54 16.94
N HIS B 208 -17.56 1.40 15.94
CA HIS B 208 -18.71 2.33 15.93
C HIS B 208 -20.01 1.80 15.38
N LEU B 209 -19.97 0.58 14.84
CA LEU B 209 -21.16 -0.07 14.28
C LEU B 209 -21.53 -1.08 15.37
N LEU B 210 -22.09 -0.57 16.46
CA LEU B 210 -22.45 -1.40 17.61
C LEU B 210 -23.90 -1.07 17.99
N TYR B 211 -24.73 -2.12 18.17
CA TYR B 211 -26.14 -1.94 18.53
C TYR B 211 -26.42 -2.19 19.98
N GLU B 212 -25.72 -3.15 20.57
CA GLU B 212 -25.84 -3.39 22.00
C GLU B 212 -24.57 -3.94 22.62
N GLY B 213 -24.33 -3.51 23.86
CA GLY B 213 -23.14 -3.90 24.60
C GLY B 213 -22.16 -2.73 24.57
N GLU B 214 -20.92 -2.99 24.95
CA GLU B 214 -19.86 -1.99 24.98
C GLU B 214 -18.68 -2.53 24.19
N HIS B 215 -17.94 -1.65 23.53
CA HIS B 215 -16.75 -2.04 22.79
C HIS B 215 -15.56 -1.94 23.73
N PHE B 216 -14.98 -3.08 24.11
CA PHE B 216 -13.83 -3.09 25.02
C PHE B 216 -12.56 -3.34 24.22
N SER B 217 -11.49 -2.60 24.54
CA SER B 217 -10.21 -2.76 23.85
C SER B 217 -9.27 -3.44 24.82
N PRO B 218 -8.80 -4.65 24.47
CA PRO B 218 -7.87 -5.39 25.34
C PRO B 218 -6.53 -4.68 25.62
N GLY B 219 -6.18 -3.71 24.79
CA GLY B 219 -4.96 -2.96 24.99
C GLY B 219 -5.04 -2.18 26.31
N ARG B 220 -6.24 -2.06 26.87
CA ARG B 220 -6.45 -1.36 28.15
C ARG B 220 -5.74 -2.06 29.30
N VAL B 221 -5.62 -3.38 29.20
CA VAL B 221 -5.01 -4.17 30.26
C VAL B 221 -3.63 -4.74 29.91
N ALA B 222 -3.36 -4.92 28.63
CA ALA B 222 -2.06 -5.47 28.25
C ALA B 222 -1.50 -4.71 27.05
N PRO B 223 -1.19 -3.41 27.23
CA PRO B 223 -0.67 -2.57 26.14
C PRO B 223 0.64 -3.02 25.46
N GLU B 224 1.53 -3.68 26.20
CA GLU B 224 2.79 -4.14 25.62
C GLU B 224 2.67 -5.47 24.85
N HIS B 225 1.50 -6.08 24.91
CA HIS B 225 1.25 -7.32 24.19
C HIS B 225 0.24 -7.13 23.10
N THR B 226 -0.49 -6.01 23.13
CA THR B 226 -1.54 -5.75 22.17
C THR B 226 -1.27 -4.77 21.05
N LEU B 227 -1.63 -5.19 19.84
CA LEU B 227 -1.52 -4.39 18.64
C LEU B 227 -2.96 -4.14 18.21
N THR B 228 -3.40 -2.89 18.34
CA THR B 228 -4.76 -2.52 18.01
C THR B 228 -4.84 -2.00 16.59
N VAL B 229 -5.69 -2.63 15.78
CA VAL B 229 -5.87 -2.24 14.39
C VAL B 229 -7.25 -1.62 14.25
N ASN B 230 -7.32 -0.55 13.46
CA ASN B 230 -8.57 0.17 13.25
C ASN B 230 -8.46 0.93 11.92
N GLY B 231 -9.41 1.82 11.66
CA GLY B 231 -9.41 2.58 10.43
C GLY B 231 -10.67 3.39 10.21
N ALA B 232 -10.68 4.18 9.13
CA ALA B 232 -11.80 5.04 8.77
C ALA B 232 -12.81 4.39 7.83
N ALA B 233 -12.42 3.29 7.21
CA ALA B 233 -13.25 2.58 6.23
C ALA B 233 -14.71 2.31 6.54
N LYS B 234 -14.96 1.58 7.62
CA LYS B 234 -16.32 1.18 7.96
C LYS B 234 -17.11 2.21 8.75
N ALA B 235 -16.45 2.91 9.67
CA ALA B 235 -17.07 3.92 10.50
C ALA B 235 -17.54 5.16 9.72
N PHE B 236 -16.68 5.65 8.83
CA PHE B 236 -17.00 6.86 8.08
C PHE B 236 -17.26 6.69 6.60
N ALA B 237 -17.60 5.46 6.19
CA ALA B 237 -17.85 5.15 4.78
C ALA B 237 -16.71 5.64 3.89
N MET B 238 -15.48 5.27 4.26
CA MET B 238 -14.30 5.68 3.52
C MET B 238 -13.48 4.49 3.01
N THR B 239 -14.16 3.45 2.55
CA THR B 239 -13.46 2.25 2.09
C THR B 239 -12.52 2.54 0.92
N GLY B 240 -12.98 3.34 -0.03
CA GLY B 240 -12.15 3.66 -1.19
C GLY B 240 -11.02 4.64 -0.93
N TRP B 241 -10.97 5.26 0.27
CA TRP B 241 -9.91 6.22 0.58
C TRP B 241 -8.61 5.54 1.00
N ARG B 242 -8.72 4.32 1.51
CA ARG B 242 -7.56 3.52 1.95
C ARG B 242 -6.73 4.13 3.06
N ILE B 243 -7.36 4.38 4.21
CA ILE B 243 -6.66 4.91 5.38
C ILE B 243 -7.01 4.05 6.60
N GLY B 244 -5.99 3.43 7.16
CA GLY B 244 -6.17 2.63 8.35
C GLY B 244 -5.17 3.14 9.37
N TYR B 245 -5.28 2.65 10.59
CA TYR B 245 -4.37 3.06 11.65
C TYR B 245 -4.27 2.02 12.72
N ALA B 246 -3.11 1.97 13.36
CA ALA B 246 -2.88 1.02 14.42
C ALA B 246 -2.04 1.67 15.51
N CYS B 247 -2.04 1.05 16.69
CA CYS B 247 -1.23 1.51 17.80
C CYS B 247 -0.78 0.26 18.56
N GLY B 248 0.30 0.41 19.32
CA GLY B 248 0.82 -0.72 20.07
C GLY B 248 2.23 -0.46 20.53
N PRO B 249 2.97 -1.51 20.92
CA PRO B 249 4.36 -1.38 21.39
C PRO B 249 5.19 -0.59 20.38
N LYS B 250 5.92 0.40 20.89
CA LYS B 250 6.74 1.30 20.07
C LYS B 250 7.65 0.58 19.06
N GLU B 251 8.30 -0.51 19.48
CA GLU B 251 9.19 -1.22 18.58
C GLU B 251 8.50 -1.94 17.43
N VAL B 252 7.27 -2.39 17.66
CA VAL B 252 6.53 -3.06 16.60
C VAL B 252 6.01 -2.00 15.60
N ILE B 253 5.56 -0.86 16.12
CA ILE B 253 5.06 0.22 15.29
C ILE B 253 6.18 0.77 14.40
N LYS B 254 7.37 0.85 14.96
CA LYS B 254 8.53 1.33 14.24
C LYS B 254 8.85 0.36 13.09
N ALA B 255 8.79 -0.94 13.38
CA ALA B 255 9.05 -1.97 12.37
C ALA B 255 7.98 -1.91 11.27
N MET B 256 6.74 -1.68 11.65
CA MET B 256 5.65 -1.58 10.66
C MET B 256 5.88 -0.41 9.73
N ALA B 257 6.41 0.68 10.27
CA ALA B 257 6.69 1.88 9.46
C ALA B 257 7.82 1.60 8.47
N SER B 258 8.76 0.72 8.87
CA SER B 258 9.86 0.33 8.00
C SER B 258 9.37 -0.46 6.80
N VAL B 259 8.35 -1.29 7.01
CA VAL B 259 7.77 -2.08 5.94
C VAL B 259 7.06 -1.16 4.95
N SER B 260 6.34 -0.17 5.47
CA SER B 260 5.64 0.79 4.62
C SER B 260 6.64 1.56 3.79
N ARG B 261 7.76 1.95 4.41
CA ARG B 261 8.79 2.72 3.72
C ARG B 261 9.27 2.01 2.44
N GLN B 262 9.45 0.70 2.51
CA GLN B 262 9.92 -0.07 1.36
C GLN B 262 8.85 -0.71 0.47
N SER B 263 7.59 -0.34 0.67
CA SER B 263 6.50 -0.87 -0.14
C SER B 263 5.63 0.23 -0.73
N THR B 264 4.86 0.90 0.13
CA THR B 264 3.96 1.97 -0.29
C THR B 264 4.49 3.40 -0.07
N THR B 265 5.56 3.50 0.72
CA THR B 265 6.21 4.77 1.10
C THR B 265 5.38 5.46 2.17
N SER B 266 4.11 5.77 1.86
CA SER B 266 3.20 6.41 2.81
C SER B 266 1.82 6.49 2.18
N PRO B 267 0.76 6.50 3.01
CA PRO B 267 -0.60 6.59 2.44
C PRO B 267 -0.80 7.93 1.70
N ASP B 268 -1.82 7.95 0.84
CA ASP B 268 -2.20 9.13 0.06
C ASP B 268 -2.28 10.34 1.01
N THR B 269 -1.53 11.41 0.71
CA THR B 269 -1.50 12.62 1.55
C THR B 269 -2.85 13.34 1.67
N ILE B 270 -3.59 13.43 0.57
CA ILE B 270 -4.89 14.08 0.59
C ILE B 270 -5.85 13.30 1.50
N ALA B 271 -5.78 11.97 1.44
CA ALA B 271 -6.62 11.11 2.26
C ALA B 271 -6.27 11.26 3.75
N GLN B 272 -4.98 11.46 4.06
CA GLN B 272 -4.55 11.64 5.44
C GLN B 272 -5.15 12.92 6.03
N TRP B 273 -5.10 14.02 5.27
CA TRP B 273 -5.67 15.29 5.73
C TRP B 273 -7.19 15.20 5.88
N ALA B 274 -7.85 14.48 4.98
CA ALA B 274 -9.30 14.27 5.07
C ALA B 274 -9.64 13.46 6.33
N THR B 275 -8.79 12.50 6.67
CA THR B 275 -8.99 11.65 7.85
C THR B 275 -8.78 12.44 9.14
N LEU B 276 -7.84 13.38 9.11
CA LEU B 276 -7.58 14.22 10.27
C LEU B 276 -8.88 14.93 10.67
N GLU B 277 -9.61 15.46 9.69
CA GLU B 277 -10.88 16.14 9.94
C GLU B 277 -11.94 15.22 10.57
N ALA B 278 -11.98 13.96 10.11
CA ALA B 278 -12.93 12.98 10.65
C ALA B 278 -12.65 12.73 12.13
N LEU B 279 -11.36 12.78 12.51
CA LEU B 279 -10.99 12.55 13.89
C LEU B 279 -11.10 13.80 14.76
N THR B 280 -10.84 14.96 14.19
CA THR B 280 -10.89 16.20 14.96
C THR B 280 -12.27 16.87 15.03
N ASN B 281 -13.07 16.76 13.98
CA ASN B 281 -14.41 17.33 14.04
C ASN B 281 -15.30 16.22 14.59
N GLN B 282 -15.23 16.04 15.91
CA GLN B 282 -16.00 15.01 16.58
C GLN B 282 -17.49 15.19 16.44
N GLU B 283 -17.95 16.44 16.43
CA GLU B 283 -19.37 16.75 16.30
C GLU B 283 -20.00 16.24 14.99
N ALA B 284 -19.35 16.54 13.86
CA ALA B 284 -19.85 16.10 12.55
C ALA B 284 -19.68 14.60 12.34
N SER B 285 -18.59 14.03 12.84
CA SER B 285 -18.34 12.60 12.72
C SER B 285 -19.33 11.80 13.57
N ARG B 286 -19.61 12.32 14.77
CA ARG B 286 -20.56 11.73 15.71
C ARG B 286 -21.95 11.71 15.07
N ALA B 287 -22.32 12.79 14.37
CA ALA B 287 -23.61 12.86 13.71
C ALA B 287 -23.72 11.82 12.59
N PHE B 288 -22.64 11.62 11.85
CA PHE B 288 -22.67 10.63 10.79
C PHE B 288 -22.80 9.22 11.38
N VAL B 289 -21.99 8.93 12.38
CA VAL B 289 -22.00 7.63 13.04
C VAL B 289 -23.35 7.26 13.65
N GLU B 290 -24.00 8.20 14.33
CA GLU B 290 -25.28 7.93 14.95
C GLU B 290 -26.34 7.68 13.87
N MET B 291 -26.26 8.43 12.77
CA MET B 291 -27.20 8.27 11.67
C MET B 291 -27.11 6.89 11.03
N ALA B 292 -25.88 6.48 10.74
CA ALA B 292 -25.62 5.18 10.13
C ALA B 292 -26.00 4.07 11.10
N ARG B 293 -25.64 4.23 12.36
CA ARG B 293 -25.94 3.25 13.40
C ARG B 293 -27.43 2.99 13.51
N GLU B 294 -28.23 4.06 13.51
CA GLU B 294 -29.68 3.90 13.61
C GLU B 294 -30.24 3.21 12.37
N ALA B 295 -29.71 3.57 11.20
CA ALA B 295 -30.16 2.97 9.95
C ALA B 295 -29.86 1.47 9.93
N TYR B 296 -28.64 1.11 10.30
CA TYR B 296 -28.20 -0.28 10.35
C TYR B 296 -29.03 -1.10 11.33
N ARG B 297 -29.34 -0.53 12.49
CA ARG B 297 -30.13 -1.23 13.49
C ARG B 297 -31.52 -1.56 12.97
N ARG B 298 -32.15 -0.60 12.30
CA ARG B 298 -33.49 -0.82 11.75
C ARG B 298 -33.45 -1.93 10.68
N ARG B 299 -32.42 -1.90 9.86
CA ARG B 299 -32.25 -2.90 8.81
C ARG B 299 -32.01 -4.27 9.42
N ARG B 300 -31.14 -4.32 10.43
CA ARG B 300 -30.85 -5.59 11.10
C ARG B 300 -32.12 -6.20 11.68
N ASP B 301 -32.90 -5.39 12.39
CA ASP B 301 -34.14 -5.86 13.01
C ASP B 301 -35.13 -6.37 11.98
N LEU B 302 -35.21 -5.65 10.87
CA LEU B 302 -36.08 -5.98 9.75
C LEU B 302 -35.74 -7.37 9.20
N LEU B 303 -34.43 -7.59 8.97
CA LEU B 303 -33.92 -8.84 8.43
C LEU B 303 -34.16 -10.03 9.37
N LEU B 304 -33.73 -9.89 10.63
CA LEU B 304 -33.88 -10.95 11.62
C LEU B 304 -35.32 -11.40 11.83
N GLU B 305 -36.25 -10.46 11.85
CA GLU B 305 -37.66 -10.80 12.02
C GLU B 305 -38.12 -11.62 10.85
N GLY B 306 -37.74 -11.19 9.65
CA GLY B 306 -38.11 -11.89 8.44
C GLY B 306 -37.56 -13.30 8.39
N LEU B 307 -36.28 -13.45 8.72
CA LEU B 307 -35.64 -14.75 8.71
C LEU B 307 -36.34 -15.67 9.69
N THR B 308 -36.61 -15.15 10.89
CA THR B 308 -37.27 -15.91 11.94
C THR B 308 -38.67 -16.38 11.50
N ALA B 309 -39.39 -15.52 10.79
CA ALA B 309 -40.72 -15.86 10.30
C ALA B 309 -40.63 -16.98 9.27
N LEU B 310 -39.50 -17.07 8.58
CA LEU B 310 -39.29 -18.11 7.58
C LEU B 310 -38.77 -19.39 8.23
N GLY B 311 -38.36 -19.28 9.49
CA GLY B 311 -37.83 -20.43 10.20
C GLY B 311 -36.34 -20.62 9.97
N LEU B 312 -35.72 -19.64 9.32
CA LEU B 312 -34.29 -19.66 9.02
C LEU B 312 -33.52 -19.23 10.27
N LYS B 313 -32.40 -19.89 10.54
CA LYS B 313 -31.59 -19.56 11.71
C LYS B 313 -30.37 -18.67 11.45
N ALA B 314 -30.20 -17.70 12.34
CA ALA B 314 -29.10 -16.74 12.30
C ALA B 314 -28.87 -16.27 13.73
N VAL B 315 -27.62 -16.25 14.19
CA VAL B 315 -27.32 -15.76 15.53
C VAL B 315 -27.48 -14.26 15.40
N ARG B 316 -28.21 -13.66 16.33
CA ARG B 316 -28.44 -12.23 16.32
C ARG B 316 -27.12 -11.48 16.52
N PRO B 317 -26.73 -10.63 15.55
CA PRO B 317 -25.48 -9.88 15.65
C PRO B 317 -25.65 -8.59 16.46
N SER B 318 -24.60 -8.18 17.16
CA SER B 318 -24.65 -6.96 17.97
C SER B 318 -23.84 -5.83 17.36
N GLY B 319 -23.13 -6.10 16.27
CA GLY B 319 -22.30 -5.10 15.64
C GLY B 319 -22.00 -5.43 14.20
N ALA B 320 -21.26 -4.54 13.52
CA ALA B 320 -20.92 -4.66 12.10
C ALA B 320 -22.23 -4.64 11.33
N PHE B 321 -22.23 -5.09 10.06
CA PHE B 321 -23.47 -5.13 9.28
C PHE B 321 -23.64 -6.44 8.53
N TYR B 322 -23.38 -7.53 9.24
CA TYR B 322 -23.45 -8.87 8.71
C TYR B 322 -24.31 -9.83 9.56
N VAL B 323 -24.86 -10.83 8.90
CA VAL B 323 -25.67 -11.86 9.51
C VAL B 323 -25.22 -13.20 8.92
N LEU B 324 -24.86 -14.16 9.77
CA LEU B 324 -24.48 -15.49 9.28
C LEU B 324 -25.75 -16.36 9.36
N MET B 325 -26.26 -16.80 8.20
CA MET B 325 -27.47 -17.60 8.17
C MET B 325 -27.21 -19.07 7.86
N ASP B 326 -27.76 -19.95 8.69
CA ASP B 326 -27.62 -21.39 8.49
C ASP B 326 -28.38 -21.75 7.21
N THR B 327 -27.70 -22.46 6.32
CA THR B 327 -28.31 -22.83 5.03
C THR B 327 -28.83 -24.26 4.93
N SER B 328 -28.78 -25.01 6.04
CA SER B 328 -29.25 -26.40 6.09
C SER B 328 -30.60 -26.67 5.42
N PRO B 329 -31.58 -25.77 5.59
CA PRO B 329 -32.87 -26.01 4.95
C PRO B 329 -32.93 -25.69 3.46
N ILE B 330 -31.88 -25.09 2.91
CA ILE B 330 -31.86 -24.72 1.50
C ILE B 330 -31.05 -25.66 0.61
N ALA B 331 -30.02 -26.27 1.18
CA ALA B 331 -29.17 -27.20 0.45
C ALA B 331 -28.25 -27.91 1.43
N PRO B 332 -27.63 -29.02 1.00
CA PRO B 332 -26.71 -29.81 1.83
C PRO B 332 -25.42 -29.10 2.25
N ASP B 333 -24.99 -28.11 1.49
CA ASP B 333 -23.81 -27.31 1.82
C ASP B 333 -24.03 -25.85 1.41
N GLU B 334 -23.15 -24.97 1.89
CA GLU B 334 -23.28 -23.54 1.61
C GLU B 334 -23.04 -23.05 0.19
N VAL B 335 -22.29 -23.80 -0.62
CA VAL B 335 -22.05 -23.38 -1.99
C VAL B 335 -23.30 -23.71 -2.81
N ARG B 336 -23.83 -24.91 -2.61
CA ARG B 336 -25.03 -25.31 -3.32
C ARG B 336 -26.15 -24.38 -2.89
N ALA B 337 -26.15 -24.00 -1.62
CA ALA B 337 -27.17 -23.09 -1.07
C ALA B 337 -27.07 -21.72 -1.75
N ALA B 338 -25.84 -21.23 -1.91
CA ALA B 338 -25.61 -19.95 -2.56
C ALA B 338 -26.04 -19.93 -4.03
N GLU B 339 -25.84 -21.04 -4.72
CA GLU B 339 -26.25 -21.14 -6.12
C GLU B 339 -27.78 -21.18 -6.26
N ARG B 340 -28.46 -21.81 -5.31
CA ARG B 340 -29.92 -21.88 -5.34
C ARG B 340 -30.50 -20.51 -5.12
N LEU B 341 -29.95 -19.80 -4.14
CA LEU B 341 -30.39 -18.46 -3.83
C LEU B 341 -30.15 -17.55 -5.02
N LEU B 342 -29.06 -17.76 -5.75
CA LEU B 342 -28.75 -16.97 -6.95
C LEU B 342 -29.84 -17.16 -8.00
N GLU B 343 -30.31 -18.40 -8.15
CA GLU B 343 -31.36 -18.70 -9.11
C GLU B 343 -32.64 -17.99 -8.67
N ALA B 344 -32.82 -17.87 -7.35
CA ALA B 344 -34.00 -17.21 -6.77
C ALA B 344 -33.92 -15.69 -6.87
N GLY B 345 -32.77 -15.16 -7.29
CA GLY B 345 -32.59 -13.73 -7.42
C GLY B 345 -31.88 -13.04 -6.27
N VAL B 346 -31.17 -13.79 -5.43
CA VAL B 346 -30.44 -13.20 -4.30
C VAL B 346 -28.97 -13.60 -4.28
N ALA B 347 -28.08 -12.61 -4.29
CA ALA B 347 -26.64 -12.87 -4.23
C ALA B 347 -26.14 -12.77 -2.78
N VAL B 348 -25.63 -13.88 -2.27
CA VAL B 348 -25.11 -13.96 -0.91
C VAL B 348 -23.67 -14.49 -0.98
N VAL B 349 -22.93 -14.37 0.12
CA VAL B 349 -21.55 -14.86 0.15
C VAL B 349 -21.47 -16.22 0.86
N PRO B 350 -20.96 -17.25 0.17
CA PRO B 350 -20.88 -18.55 0.85
C PRO B 350 -19.88 -18.46 2.01
N GLY B 351 -20.16 -19.18 3.10
CA GLY B 351 -19.30 -19.12 4.26
C GLY B 351 -18.01 -19.92 4.20
N THR B 352 -17.81 -20.64 3.10
CA THR B 352 -16.62 -21.48 2.90
C THR B 352 -15.28 -20.84 3.24
N ASP B 353 -14.98 -19.70 2.65
CA ASP B 353 -13.71 -19.00 2.86
C ASP B 353 -13.49 -18.47 4.28
N PHE B 354 -14.57 -18.31 5.03
CA PHE B 354 -14.50 -17.79 6.40
C PHE B 354 -14.46 -18.93 7.39
N ALA B 355 -14.51 -20.16 6.87
CA ALA B 355 -14.53 -21.36 7.71
C ALA B 355 -15.88 -21.41 8.44
N ALA B 356 -16.91 -20.90 7.78
CA ALA B 356 -18.27 -20.88 8.30
C ALA B 356 -19.08 -21.82 7.42
N PHE B 357 -18.72 -23.10 7.45
CA PHE B 357 -19.40 -24.10 6.65
C PHE B 357 -20.87 -24.23 7.06
N GLY B 358 -21.74 -24.46 6.08
CA GLY B 358 -23.16 -24.62 6.35
C GLY B 358 -23.86 -23.28 6.55
N HIS B 359 -23.14 -22.20 6.28
CA HIS B 359 -23.67 -20.86 6.44
C HIS B 359 -23.36 -20.01 5.22
N VAL B 360 -24.05 -18.89 5.16
CA VAL B 360 -23.89 -17.94 4.10
C VAL B 360 -23.91 -16.57 4.81
N ARG B 361 -23.06 -15.64 4.35
CA ARG B 361 -23.02 -14.32 4.96
C ARG B 361 -23.92 -13.35 4.23
N LEU B 362 -24.81 -12.71 4.98
CA LEU B 362 -25.73 -11.71 4.44
C LEU B 362 -25.24 -10.37 4.96
N SER B 363 -25.32 -9.36 4.12
CA SER B 363 -24.89 -8.02 4.51
C SER B 363 -26.09 -7.08 4.43
N TYR B 364 -26.35 -6.33 5.48
CA TYR B 364 -27.49 -5.42 5.46
C TYR B 364 -27.12 -3.95 5.25
N ALA B 365 -26.03 -3.73 4.52
CA ALA B 365 -25.61 -2.40 4.18
C ALA B 365 -26.28 -2.06 2.85
N THR B 366 -27.60 -2.26 2.80
CA THR B 366 -28.47 -1.95 1.66
C THR B 366 -29.73 -1.34 2.20
N SER B 367 -30.60 -0.94 1.29
CA SER B 367 -31.86 -0.33 1.65
C SER B 367 -32.87 -1.35 2.16
N GLU B 368 -33.80 -0.87 2.98
CA GLU B 368 -34.86 -1.71 3.53
C GLU B 368 -35.64 -2.30 2.38
N GLU B 369 -35.77 -1.51 1.32
CA GLU B 369 -36.48 -1.88 0.11
C GLU B 369 -35.86 -3.17 -0.46
N ASN B 370 -34.53 -3.23 -0.50
CA ASN B 370 -33.82 -4.41 -1.00
C ASN B 370 -33.90 -5.59 -0.04
N LEU B 371 -33.93 -5.30 1.26
CA LEU B 371 -34.01 -6.35 2.26
C LEU B 371 -35.39 -7.03 2.20
N ARG B 372 -36.43 -6.25 1.91
CA ARG B 372 -37.79 -6.79 1.80
C ARG B 372 -37.86 -7.74 0.59
N LYS B 373 -37.31 -7.31 -0.55
CA LYS B 373 -37.29 -8.12 -1.75
C LYS B 373 -36.62 -9.46 -1.47
N ALA B 374 -35.44 -9.41 -0.88
CA ALA B 374 -34.68 -10.62 -0.57
C ALA B 374 -35.46 -11.59 0.31
N LEU B 375 -36.19 -11.06 1.29
CA LEU B 375 -37.00 -11.91 2.17
C LEU B 375 -38.14 -12.57 1.38
N GLU B 376 -38.67 -11.85 0.39
CA GLU B 376 -39.74 -12.37 -0.47
C GLU B 376 -39.21 -13.59 -1.25
N ARG B 377 -38.01 -13.45 -1.80
CA ARG B 377 -37.38 -14.51 -2.59
C ARG B 377 -36.92 -15.71 -1.76
N PHE B 378 -36.53 -15.49 -0.49
CA PHE B 378 -36.13 -16.59 0.39
C PHE B 378 -37.39 -17.43 0.61
N ALA B 379 -38.50 -16.71 0.78
CA ALA B 379 -39.81 -17.29 1.00
C ALA B 379 -40.16 -18.24 -0.13
N ARG B 380 -39.90 -17.82 -1.37
CA ARG B 380 -40.20 -18.64 -2.54
C ARG B 380 -39.33 -19.89 -2.56
N VAL B 381 -38.07 -19.76 -2.18
CA VAL B 381 -37.13 -20.87 -2.14
C VAL B 381 -37.54 -21.93 -1.10
N LEU B 382 -38.42 -21.54 -0.18
CA LEU B 382 -38.88 -22.46 0.85
C LEU B 382 -40.29 -23.00 0.60
P PO4 C . 14.24 10.01 -3.94
O1 PO4 C . 13.63 10.33 -5.29
O2 PO4 C . 14.70 11.29 -3.28
O3 PO4 C . 13.23 9.36 -3.01
O4 PO4 C . 15.39 9.05 -4.18
N1 PLP D . 11.85 4.58 -8.94
C2 PLP D . 12.66 5.69 -8.86
C2A PLP D . 14.11 5.57 -9.31
C3 PLP D . 12.13 6.84 -8.34
O3 PLP D . 12.93 7.95 -8.27
C4 PLP D . 10.77 6.88 -7.93
C4A PLP D . 10.25 8.18 -7.35
C5 PLP D . 10.00 5.70 -8.03
C6 PLP D . 10.56 4.59 -8.55
C5A PLP D . 8.57 5.58 -7.62
O4P PLP D . 7.97 6.57 -6.81
P PLP D . 6.47 6.43 -6.33
O1P PLP D . 5.66 6.41 -7.54
O2P PLP D . 6.36 7.78 -5.50
O3P PLP D . 6.36 5.29 -5.41
P PO4 E . -15.43 -8.33 3.07
O1 PO4 E . -14.73 -7.00 2.83
O2 PO4 E . -16.51 -8.50 2.03
O3 PO4 E . -14.46 -9.48 2.95
O4 PO4 E . -15.97 -8.30 4.47
N1 PLP F . -10.73 -6.15 9.20
C2 PLP F . -12.04 -6.45 8.95
C2A PLP F . -12.72 -7.60 9.73
C3 PLP F . -12.73 -5.69 8.03
O3 PLP F . -14.02 -6.03 7.73
C4 PLP F . -12.13 -4.68 7.36
C4A PLP F . -12.95 -3.85 6.37
C5 PLP F . -10.74 -4.36 7.66
C6 PLP F . -10.08 -5.12 8.58
C5A PLP F . -9.89 -3.30 6.99
O4P PLP F . -10.41 -2.65 5.86
P PLP F . -9.59 -1.54 5.10
O1P PLP F . -9.42 -0.46 6.02
O2P PLP F . -10.59 -1.15 3.97
O3P PLP F . -8.39 -2.16 4.52
#